data_9VSQ
#
_entry.id   9VSQ
#
_cell.length_a   1.00
_cell.length_b   1.00
_cell.length_c   1.00
_cell.angle_alpha   90.00
_cell.angle_beta   90.00
_cell.angle_gamma   90.00
#
_symmetry.space_group_name_H-M   'P 1'
#
loop_
_entity.id
_entity.type
_entity.pdbx_description
1 polymer 'Endosomal/lysosomal proton channel TMEM175'
2 non-polymer "3-{4-[(4-fluoro-4'-methyl[1,1'-biphenyl]-2-yl)methoxy]phenyl}propanoic acid"
3 non-polymer CHOLESTEROL
4 non-polymer 'POTASSIUM ION'
5 water water
#
_entity_poly.entity_id   1
_entity_poly.type   'polypeptide(L)'
_entity_poly.pdbx_seq_one_letter_code
;MSQPRTPEQALDTPGDCPPGRRDEDAGEGIQCSQRMLSFSDALLSIIATVMILPVTHTEISPEQQFDRSVQRLLATRIAV
YLMTFLIVTVAWAAHTRLFQVVGKTDDTLALLNLACMMTITFLPYTFSLMVTFPDVPLGIFLFCVCVIAIGVVQALIVGY
AFHFPHLLSPQIQRSAHRALYRRHVLGIVLQGPALCFAAAIFSLFFVPLSYLLMVTVILLPYVSKVTGWCRDRLLGHREP
SAHPVEVFSFDLHEPLSKERVEAFSDGVYAIVATLLILDICEDNVPDPKDVKERFSGSLVAALSATGPRFLAYFGSFATV
GLLWFAHHSLFLHVRKATRAMGLLNTLSLAFVGGLPLAYQQTSAFARQPRDELERVRVSCTIIFLASIFQLAMWTTALLH
QAETLQPSVWFGGREHVLMFAKLALYPCASLLAFASTCLLSRFSVGIFHLMQIAVPCAFLLLRLLVGLALATLRVLRGLA
RPEHPPPAPTGQDDPQSQLLPAPC
;
_entity_poly.pdbx_strand_id   A,B
#
loop_
_chem_comp.id
_chem_comp.type
_chem_comp.name
_chem_comp.formula
CLR non-polymer CHOLESTEROL 'C27 H46 O'
K non-polymer 'POTASSIUM ION' 'K 1'
YN9 non-polymer '3-{4-[(4-fluoro-4'-methyl[1,1'-biphenyl]-2-yl)methoxy]phenyl}propanoic acid' 'C23 H21 F O3'
#
# COMPACT_ATOMS: atom_id res chain seq x y z
N ILE A 30 -18.63 -16.95 -13.22
CA ILE A 30 -18.43 -16.69 -11.76
C ILE A 30 -16.97 -16.87 -11.40
N GLN A 31 -16.51 -16.10 -10.43
CA GLN A 31 -15.12 -16.13 -9.98
C GLN A 31 -15.07 -15.82 -8.49
N CYS A 32 -13.96 -16.22 -7.86
CA CYS A 32 -13.75 -15.92 -6.45
C CYS A 32 -13.44 -14.44 -6.29
N SER A 33 -14.04 -13.81 -5.29
CA SER A 33 -13.94 -12.37 -5.12
C SER A 33 -12.85 -11.95 -4.14
N GLN A 34 -12.05 -12.88 -3.63
CA GLN A 34 -11.11 -12.53 -2.57
C GLN A 34 -10.07 -11.53 -3.05
N ARG A 35 -9.45 -11.78 -4.21
CA ARG A 35 -8.36 -10.92 -4.65
C ARG A 35 -8.88 -9.54 -5.06
N MET A 36 -10.07 -9.48 -5.64
CA MET A 36 -10.65 -8.19 -5.98
C MET A 36 -10.86 -7.34 -4.73
N LEU A 37 -11.34 -7.97 -3.65
CA LEU A 37 -11.54 -7.23 -2.41
C LEU A 37 -10.23 -6.89 -1.74
N SER A 38 -9.20 -7.72 -1.90
CA SER A 38 -7.88 -7.35 -1.41
C SER A 38 -7.35 -6.11 -2.12
N PHE A 39 -7.52 -6.07 -3.43
CA PHE A 39 -7.12 -4.88 -4.19
C PHE A 39 -7.91 -3.66 -3.74
N SER A 40 -9.21 -3.84 -3.52
CA SER A 40 -10.03 -2.74 -3.02
C SER A 40 -9.52 -2.24 -1.68
N ASP A 41 -9.16 -3.16 -0.78
CA ASP A 41 -8.66 -2.77 0.53
C ASP A 41 -7.35 -2.00 0.41
N ALA A 42 -6.46 -2.45 -0.47
CA ALA A 42 -5.20 -1.74 -0.68
C ALA A 42 -5.45 -0.31 -1.16
N LEU A 43 -6.28 -0.17 -2.19
CA LEU A 43 -6.59 1.16 -2.71
C LEU A 43 -7.21 2.03 -1.64
N LEU A 44 -8.15 1.47 -0.86
CA LEU A 44 -8.86 2.27 0.12
C LEU A 44 -7.96 2.68 1.27
N SER A 45 -7.02 1.83 1.67
CA SER A 45 -6.07 2.24 2.71
C SER A 45 -5.18 3.36 2.22
N ILE A 46 -4.72 3.27 0.97
CA ILE A 46 -3.93 4.38 0.40
C ILE A 46 -4.74 5.67 0.43
N ILE A 47 -5.99 5.59 -0.01
CA ILE A 47 -6.81 6.79 -0.12
C ILE A 47 -7.12 7.36 1.27
N ALA A 48 -7.35 6.50 2.25
CA ALA A 48 -7.65 6.97 3.60
C ALA A 48 -6.44 7.68 4.20
N THR A 49 -5.24 7.14 3.98
CA THR A 49 -4.05 7.76 4.56
C THR A 49 -3.44 8.84 3.69
N VAL A 50 -4.01 9.13 2.53
CA VAL A 50 -3.42 10.13 1.64
C VAL A 50 -3.20 11.45 2.37
N MET A 51 -4.18 11.91 3.14
CA MET A 51 -4.12 13.26 3.68
C MET A 51 -3.20 13.39 4.88
N ILE A 52 -2.43 12.36 5.22
CA ILE A 52 -1.43 12.48 6.26
C ILE A 52 -0.15 13.12 5.75
N LEU A 53 0.08 13.10 4.43
CA LEU A 53 1.29 13.68 3.89
C LEU A 53 1.40 15.18 4.16
N PRO A 54 0.35 15.98 3.95
CA PRO A 54 0.46 17.41 4.32
C PRO A 54 0.83 17.62 5.77
N VAL A 55 0.41 16.75 6.67
CA VAL A 55 0.76 16.89 8.09
C VAL A 55 2.26 16.67 8.28
N THR A 56 2.80 15.59 7.73
CA THR A 56 4.19 15.25 7.95
C THR A 56 5.13 16.18 7.20
N HIS A 57 4.65 16.78 6.11
CA HIS A 57 5.46 17.72 5.35
C HIS A 57 5.37 19.14 5.88
N THR A 58 4.63 19.36 6.96
CA THR A 58 4.54 20.69 7.57
C THR A 58 5.82 20.96 8.35
N GLU A 59 6.66 21.85 7.84
CA GLU A 59 7.87 22.22 8.55
C GLU A 59 7.52 22.99 9.81
N ILE A 60 8.11 22.61 10.93
CA ILE A 60 7.81 23.24 12.21
C ILE A 60 8.94 22.97 13.19
N ASP A 67 4.13 32.78 15.24
CA ASP A 67 4.17 31.32 15.29
C ASP A 67 2.76 30.74 15.35
N ARG A 68 1.79 31.59 15.71
CA ARG A 68 0.40 31.14 15.79
C ARG A 68 -0.08 30.63 14.44
N SER A 69 0.39 31.24 13.35
CA SER A 69 -0.05 30.81 12.02
C SER A 69 0.35 29.37 11.74
N VAL A 70 1.58 28.99 12.11
CA VAL A 70 2.02 27.62 11.87
C VAL A 70 1.18 26.65 12.70
N GLN A 71 0.92 26.97 13.96
CA GLN A 71 0.10 26.09 14.78
C GLN A 71 -1.31 25.96 14.20
N ARG A 72 -1.89 27.08 13.76
CA ARG A 72 -3.23 27.01 13.18
C ARG A 72 -3.22 26.15 11.92
N LEU A 73 -2.20 26.30 11.07
CA LEU A 73 -2.11 25.50 9.86
C LEU A 73 -1.99 24.02 10.19
N LEU A 74 -1.17 23.67 11.17
CA LEU A 74 -1.02 22.28 11.56
C LEU A 74 -2.32 21.71 12.11
N ALA A 75 -3.02 22.49 12.95
CA ALA A 75 -4.28 22.02 13.50
C ALA A 75 -5.30 21.78 12.40
N THR A 76 -5.38 22.71 11.43
CA THR A 76 -6.29 22.54 10.32
C THR A 76 -5.96 21.30 9.52
N ARG A 77 -4.68 21.07 9.25
CA ARG A 77 -4.28 19.90 8.48
C ARG A 77 -4.60 18.61 9.23
N ILE A 78 -4.37 18.58 10.53
CA ILE A 78 -4.67 17.38 11.31
C ILE A 78 -6.17 17.12 11.32
N ALA A 79 -6.97 18.16 11.49
CA ALA A 79 -8.42 17.99 11.49
C ALA A 79 -8.89 17.47 10.14
N VAL A 80 -8.37 18.03 9.05
CA VAL A 80 -8.75 17.58 7.71
C VAL A 80 -8.35 16.12 7.52
N TYR A 81 -7.17 15.75 7.97
CA TYR A 81 -6.74 14.36 7.86
C TYR A 81 -7.68 13.44 8.60
N LEU A 82 -8.04 13.79 9.83
CA LEU A 82 -8.94 12.94 10.60
C LEU A 82 -10.30 12.80 9.91
N MET A 83 -10.86 13.92 9.45
CA MET A 83 -12.17 13.86 8.82
C MET A 83 -12.13 13.05 7.53
N THR A 84 -11.10 13.24 6.71
CA THR A 84 -11.01 12.48 5.47
C THR A 84 -10.80 10.99 5.75
N PHE A 85 -10.00 10.67 6.77
CA PHE A 85 -9.82 9.28 7.13
C PHE A 85 -11.15 8.65 7.53
N LEU A 86 -11.93 9.36 8.34
CA LEU A 86 -13.22 8.82 8.78
C LEU A 86 -14.18 8.65 7.61
N ILE A 87 -14.19 9.63 6.69
CA ILE A 87 -15.09 9.56 5.53
C ILE A 87 -14.71 8.37 4.65
N VAL A 88 -13.42 8.20 4.36
CA VAL A 88 -13.00 7.09 3.53
C VAL A 88 -13.25 5.76 4.24
N THR A 89 -13.15 5.73 5.56
CA THR A 89 -13.47 4.50 6.29
C THR A 89 -14.95 4.18 6.21
N VAL A 90 -15.81 5.20 6.27
CA VAL A 90 -17.24 4.97 6.09
C VAL A 90 -17.51 4.39 4.70
N ALA A 91 -16.87 4.96 3.68
CA ALA A 91 -17.01 4.42 2.33
C ALA A 91 -16.51 2.99 2.25
N TRP A 92 -15.38 2.70 2.90
CA TRP A 92 -14.84 1.34 2.88
C TRP A 92 -15.78 0.36 3.53
N ALA A 93 -16.38 0.75 4.66
CA ALA A 93 -17.31 -0.14 5.35
C ALA A 93 -18.54 -0.41 4.50
N ALA A 94 -19.06 0.64 3.85
CA ALA A 94 -20.19 0.44 2.94
C ALA A 94 -19.83 -0.53 1.83
N HIS A 95 -18.63 -0.38 1.27
CA HIS A 95 -18.18 -1.31 0.23
C HIS A 95 -18.07 -2.74 0.76
N THR A 96 -17.53 -2.89 1.98
CA THR A 96 -17.37 -4.22 2.55
C THR A 96 -18.70 -4.93 2.70
N ARG A 97 -19.70 -4.24 3.23
CA ARG A 97 -20.99 -4.91 3.38
C ARG A 97 -21.73 -5.07 2.05
N LEU A 98 -21.54 -4.15 1.11
CA LEU A 98 -22.08 -4.36 -0.22
C LEU A 98 -21.58 -5.67 -0.81
N PHE A 99 -20.29 -5.93 -0.70
CA PHE A 99 -19.74 -7.15 -1.28
C PHE A 99 -19.81 -8.34 -0.34
N GLN A 100 -20.28 -8.14 0.90
CA GLN A 100 -20.85 -9.24 1.66
C GLN A 100 -22.18 -9.69 1.08
N VAL A 101 -23.01 -8.74 0.62
CA VAL A 101 -24.24 -9.12 -0.08
C VAL A 101 -23.92 -9.87 -1.37
N VAL A 102 -22.95 -9.37 -2.13
CA VAL A 102 -22.55 -10.00 -3.39
C VAL A 102 -21.50 -11.07 -3.12
N GLY A 103 -21.93 -12.33 -3.12
CA GLY A 103 -21.03 -13.41 -2.74
C GLY A 103 -19.88 -13.64 -3.70
N LYS A 104 -20.15 -13.65 -5.00
CA LYS A 104 -19.15 -14.00 -5.99
C LYS A 104 -19.07 -12.90 -7.05
N THR A 105 -17.91 -12.79 -7.68
CA THR A 105 -17.63 -11.71 -8.59
C THR A 105 -17.68 -12.17 -10.04
N ASP A 106 -17.49 -11.23 -10.95
CA ASP A 106 -17.60 -11.46 -12.38
C ASP A 106 -16.86 -10.33 -13.09
N ASP A 107 -16.56 -10.55 -14.38
CA ASP A 107 -15.82 -9.55 -15.13
C ASP A 107 -16.51 -8.19 -15.07
N THR A 108 -17.82 -8.16 -15.33
CA THR A 108 -18.56 -6.91 -15.25
C THR A 108 -18.53 -6.35 -13.84
N LEU A 109 -18.70 -7.23 -12.83
CA LEU A 109 -18.62 -6.76 -11.45
C LEU A 109 -17.22 -6.24 -11.12
N ALA A 110 -16.18 -6.88 -11.65
CA ALA A 110 -14.83 -6.39 -11.41
C ALA A 110 -14.62 -5.01 -12.01
N LEU A 111 -15.11 -4.77 -13.23
CA LEU A 111 -14.97 -3.46 -13.84
C LEU A 111 -15.81 -2.41 -13.10
N LEU A 112 -17.02 -2.78 -12.67
CA LEU A 112 -17.82 -1.85 -11.89
C LEU A 112 -17.14 -1.53 -10.57
N ASN A 113 -16.49 -2.50 -9.95
CA ASN A 113 -15.74 -2.23 -8.74
C ASN A 113 -14.57 -1.29 -9.01
N LEU A 114 -13.90 -1.45 -10.15
CA LEU A 114 -12.86 -0.50 -10.51
C LEU A 114 -13.42 0.91 -10.62
N ALA A 115 -14.59 1.06 -11.25
CA ALA A 115 -15.21 2.37 -11.34
C ALA A 115 -15.55 2.92 -9.96
N CYS A 116 -16.04 2.05 -9.07
CA CYS A 116 -16.37 2.48 -7.72
C CYS A 116 -15.13 2.97 -6.98
N MET A 117 -14.02 2.25 -7.11
CA MET A 117 -12.77 2.69 -6.49
C MET A 117 -12.30 4.01 -7.08
N MET A 118 -12.44 4.17 -8.40
CA MET A 118 -12.07 5.43 -9.03
C MET A 118 -12.85 6.58 -8.42
N THR A 119 -14.17 6.39 -8.25
CA THR A 119 -14.98 7.44 -7.64
C THR A 119 -14.55 7.71 -6.21
N ILE A 120 -14.28 6.64 -5.44
CA ILE A 120 -13.92 6.83 -4.04
C ILE A 120 -12.59 7.57 -3.90
N THR A 121 -11.69 7.42 -4.87
CA THR A 121 -10.38 8.05 -4.74
C THR A 121 -10.46 9.57 -4.73
N PHE A 122 -11.59 10.15 -5.09
CA PHE A 122 -11.72 11.60 -5.13
C PHE A 122 -12.30 12.20 -3.86
N LEU A 123 -12.68 11.39 -2.88
CA LEU A 123 -13.26 11.94 -1.66
C LEU A 123 -12.31 12.86 -0.90
N PRO A 124 -11.05 12.49 -0.66
CA PRO A 124 -10.17 13.42 0.08
C PRO A 124 -10.00 14.76 -0.59
N TYR A 125 -9.80 14.77 -1.91
CA TYR A 125 -9.56 16.03 -2.61
C TYR A 125 -10.80 16.91 -2.57
N THR A 126 -11.96 16.34 -2.83
CA THR A 126 -13.19 17.14 -2.84
C THR A 126 -13.54 17.63 -1.44
N PHE A 127 -13.29 16.82 -0.42
CA PHE A 127 -13.53 17.27 0.94
C PHE A 127 -12.59 18.40 1.32
N SER A 128 -11.30 18.29 0.95
CA SER A 128 -10.36 19.36 1.23
C SER A 128 -10.75 20.63 0.51
N LEU A 129 -11.20 20.51 -0.74
CA LEU A 129 -11.65 21.67 -1.50
C LEU A 129 -12.87 22.30 -0.86
N MET A 130 -13.79 21.48 -0.37
CA MET A 130 -15.01 22.00 0.26
C MET A 130 -14.67 22.75 1.55
N VAL A 131 -13.83 22.17 2.40
CA VAL A 131 -13.49 22.81 3.66
C VAL A 131 -12.66 24.07 3.43
N THR A 132 -11.77 24.06 2.43
CA THR A 132 -10.97 25.24 2.15
C THR A 132 -11.82 26.38 1.61
N PHE A 133 -12.95 26.07 0.98
CA PHE A 133 -13.86 27.06 0.43
C PHE A 133 -15.27 26.78 0.94
N PRO A 134 -15.51 26.96 2.24
CA PRO A 134 -16.82 26.58 2.79
C PRO A 134 -17.98 27.35 2.20
N ASP A 135 -17.79 28.62 1.87
CA ASP A 135 -18.88 29.45 1.38
C ASP A 135 -19.11 29.34 -0.11
N VAL A 136 -18.22 28.70 -0.85
CA VAL A 136 -18.32 28.57 -2.30
C VAL A 136 -19.17 27.33 -2.58
N PRO A 137 -20.31 27.46 -3.27
CA PRO A 137 -21.14 26.27 -3.52
C PRO A 137 -20.47 25.22 -4.38
N LEU A 138 -19.45 25.59 -5.15
CA LEU A 138 -18.85 24.62 -6.08
C LEU A 138 -18.17 23.49 -5.33
N GLY A 139 -17.47 23.80 -4.24
CA GLY A 139 -16.77 22.75 -3.50
C GLY A 139 -17.71 21.74 -2.90
N ILE A 140 -18.77 22.22 -2.25
CA ILE A 140 -19.75 21.31 -1.65
C ILE A 140 -20.47 20.53 -2.75
N PHE A 141 -20.72 21.18 -3.89
CA PHE A 141 -21.35 20.48 -5.01
C PHE A 141 -20.45 19.35 -5.51
N LEU A 142 -19.15 19.60 -5.62
CA LEU A 142 -18.24 18.56 -6.08
C LEU A 142 -18.17 17.40 -5.09
N PHE A 143 -18.14 17.70 -3.80
CA PHE A 143 -18.15 16.63 -2.81
C PHE A 143 -19.44 15.81 -2.91
N CYS A 144 -20.58 16.48 -3.02
CA CYS A 144 -21.85 15.78 -3.14
C CYS A 144 -21.89 14.95 -4.41
N VAL A 145 -21.30 15.46 -5.50
CA VAL A 145 -21.25 14.71 -6.75
C VAL A 145 -20.42 13.46 -6.59
N CYS A 146 -19.29 13.56 -5.89
CA CYS A 146 -18.47 12.38 -5.65
C CYS A 146 -19.25 11.33 -4.86
N VAL A 147 -19.97 11.76 -3.81
CA VAL A 147 -20.73 10.81 -3.01
C VAL A 147 -21.84 10.18 -3.84
N ILE A 148 -22.54 10.99 -4.64
CA ILE A 148 -23.61 10.48 -5.49
C ILE A 148 -23.07 9.48 -6.48
N ALA A 149 -21.90 9.76 -7.06
CA ALA A 149 -21.31 8.84 -8.03
C ALA A 149 -20.95 7.52 -7.37
N ILE A 150 -20.38 7.55 -6.18
CA ILE A 150 -20.09 6.31 -5.46
C ILE A 150 -21.38 5.52 -5.29
N GLY A 151 -22.42 6.17 -4.79
CA GLY A 151 -23.69 5.49 -4.56
C GLY A 151 -24.30 4.94 -5.83
N VAL A 152 -24.18 5.66 -6.95
CA VAL A 152 -24.78 5.21 -8.19
C VAL A 152 -24.03 3.99 -8.74
N VAL A 153 -22.70 4.00 -8.65
CA VAL A 153 -21.94 2.83 -9.08
C VAL A 153 -22.30 1.63 -8.21
N GLN A 154 -22.44 1.83 -6.91
CA GLN A 154 -22.81 0.72 -6.04
C GLN A 154 -24.22 0.22 -6.34
N ALA A 155 -25.13 1.13 -6.69
CA ALA A 155 -26.47 0.72 -7.07
C ALA A 155 -26.44 -0.09 -8.36
N LEU A 156 -25.59 0.29 -9.31
CA LEU A 156 -25.43 -0.52 -10.51
C LEU A 156 -24.90 -1.91 -10.17
N ILE A 157 -23.94 -1.98 -9.24
CA ILE A 157 -23.42 -3.29 -8.82
C ILE A 157 -24.55 -4.13 -8.23
N VAL A 158 -25.36 -3.53 -7.37
CA VAL A 158 -26.45 -4.27 -6.73
C VAL A 158 -27.45 -4.75 -7.77
N GLY A 159 -27.82 -3.87 -8.71
CA GLY A 159 -28.76 -4.26 -9.74
C GLY A 159 -28.24 -5.39 -10.59
N TYR A 160 -26.97 -5.31 -11.01
CA TYR A 160 -26.38 -6.38 -11.79
C TYR A 160 -26.36 -7.69 -11.02
N ALA A 161 -25.94 -7.65 -9.76
CA ALA A 161 -25.85 -8.87 -8.98
C ALA A 161 -27.21 -9.50 -8.79
N PHE A 162 -28.25 -8.69 -8.57
CA PHE A 162 -29.58 -9.24 -8.37
C PHE A 162 -30.23 -9.65 -9.68
N HIS A 163 -29.77 -9.15 -10.82
CA HIS A 163 -30.28 -9.64 -12.10
C HIS A 163 -29.70 -11.00 -12.45
N PHE A 164 -28.56 -11.37 -11.83
CA PHE A 164 -27.91 -12.66 -12.02
C PHE A 164 -27.75 -13.27 -10.64
N PRO A 165 -28.79 -13.93 -10.12
CA PRO A 165 -28.78 -14.34 -8.70
C PRO A 165 -27.61 -15.24 -8.31
N HIS A 166 -26.99 -15.93 -9.27
CA HIS A 166 -25.89 -16.81 -8.89
C HIS A 166 -24.67 -16.03 -8.41
N LEU A 167 -24.65 -14.71 -8.59
CA LEU A 167 -23.59 -13.88 -8.03
C LEU A 167 -23.86 -13.49 -6.58
N LEU A 168 -25.07 -13.74 -6.07
CA LEU A 168 -25.40 -13.38 -4.70
C LEU A 168 -24.88 -14.42 -3.73
N SER A 169 -24.84 -14.05 -2.45
CA SER A 169 -24.47 -14.99 -1.41
C SER A 169 -25.56 -16.05 -1.27
N PRO A 170 -25.21 -17.25 -0.82
CA PRO A 170 -26.23 -18.31 -0.73
C PRO A 170 -27.41 -17.93 0.14
N GLN A 171 -27.19 -17.13 1.19
CA GLN A 171 -28.30 -16.69 2.03
C GLN A 171 -29.32 -15.91 1.21
N ILE A 172 -28.85 -15.01 0.35
CA ILE A 172 -29.76 -14.25 -0.50
C ILE A 172 -30.36 -15.15 -1.57
N GLN A 173 -29.54 -16.02 -2.15
CA GLN A 173 -30.01 -16.88 -3.24
C GLN A 173 -31.19 -17.74 -2.79
N ARG A 174 -31.04 -18.42 -1.65
CA ARG A 174 -32.07 -19.36 -1.22
C ARG A 174 -33.30 -18.68 -0.64
N SER A 175 -33.22 -17.40 -0.31
CA SER A 175 -34.37 -16.70 0.25
C SER A 175 -35.44 -16.49 -0.82
N ALA A 176 -36.70 -16.54 -0.39
CA ALA A 176 -37.80 -16.30 -1.31
C ALA A 176 -38.13 -14.82 -1.43
N HIS A 177 -37.54 -13.99 -0.56
CA HIS A 177 -37.84 -12.56 -0.56
C HIS A 177 -36.73 -11.77 -1.25
N ARG A 178 -36.16 -12.34 -2.32
CA ARG A 178 -35.05 -11.68 -2.99
C ARG A 178 -35.44 -10.27 -3.44
N ALA A 179 -36.70 -10.06 -3.82
CA ALA A 179 -37.13 -8.72 -4.20
C ALA A 179 -37.06 -7.75 -3.04
N LEU A 180 -37.51 -8.17 -1.85
CA LEU A 180 -37.42 -7.31 -0.67
C LEU A 180 -35.98 -7.08 -0.27
N TYR A 181 -35.13 -8.10 -0.40
CA TYR A 181 -33.71 -7.91 -0.15
C TYR A 181 -33.13 -6.88 -1.10
N ARG A 182 -33.50 -6.95 -2.37
CA ARG A 182 -33.02 -5.99 -3.36
C ARG A 182 -33.47 -4.58 -2.97
N ARG A 183 -34.74 -4.43 -2.60
CA ARG A 183 -35.23 -3.12 -2.23
C ARG A 183 -34.47 -2.57 -1.02
N HIS A 184 -34.27 -3.41 0.00
CA HIS A 184 -33.57 -2.96 1.20
C HIS A 184 -32.14 -2.55 0.89
N VAL A 185 -31.40 -3.41 0.19
CA VAL A 185 -30.01 -3.12 -0.11
C VAL A 185 -29.89 -1.89 -0.98
N LEU A 186 -30.75 -1.75 -1.99
CA LEU A 186 -30.69 -0.61 -2.88
C LEU A 186 -31.03 0.68 -2.15
N GLY A 187 -32.01 0.64 -1.24
CA GLY A 187 -32.30 1.81 -0.44
C GLY A 187 -31.12 2.21 0.44
N ILE A 188 -30.49 1.21 1.07
CA ILE A 188 -29.31 1.52 1.89
C ILE A 188 -28.22 2.15 1.04
N VAL A 189 -28.01 1.62 -0.17
CA VAL A 189 -26.96 2.13 -1.03
C VAL A 189 -27.25 3.56 -1.45
N LEU A 190 -28.50 3.85 -1.84
CA LEU A 190 -28.86 5.15 -2.39
C LEU A 190 -29.26 6.17 -1.33
N GLN A 191 -29.26 5.80 -0.05
CA GLN A 191 -29.60 6.77 0.99
C GLN A 191 -28.67 7.99 0.95
N GLY A 192 -27.37 7.75 0.95
CA GLY A 192 -26.41 8.84 1.00
C GLY A 192 -26.49 9.76 -0.19
N PRO A 193 -26.54 9.19 -1.39
CA PRO A 193 -26.71 10.03 -2.59
C PRO A 193 -27.91 10.95 -2.56
N ALA A 194 -29.06 10.50 -2.03
CA ALA A 194 -30.23 11.36 -2.00
C ALA A 194 -30.00 12.56 -1.08
N LEU A 195 -29.45 12.32 0.11
CA LEU A 195 -29.17 13.42 1.04
C LEU A 195 -28.16 14.38 0.46
N CYS A 196 -27.10 13.85 -0.18
CA CYS A 196 -26.09 14.73 -0.75
C CYS A 196 -26.63 15.50 -1.94
N PHE A 197 -27.56 14.91 -2.70
CA PHE A 197 -28.21 15.64 -3.78
C PHE A 197 -29.06 16.78 -3.23
N ALA A 198 -29.79 16.53 -2.15
CA ALA A 198 -30.54 17.60 -1.51
C ALA A 198 -29.60 18.69 -1.02
N ALA A 199 -28.46 18.30 -0.44
CA ALA A 199 -27.49 19.28 0.04
C ALA A 199 -26.93 20.10 -1.11
N ALA A 200 -26.65 19.45 -2.24
CA ALA A 200 -26.13 20.16 -3.40
C ALA A 200 -27.14 21.19 -3.89
N ILE A 201 -28.42 20.82 -3.92
CA ILE A 201 -29.44 21.79 -4.28
C ILE A 201 -29.45 22.95 -3.29
N PHE A 202 -29.45 22.63 -2.00
CA PHE A 202 -29.57 23.68 -0.99
C PHE A 202 -28.36 24.59 -0.94
N SER A 203 -27.20 24.14 -1.41
CA SER A 203 -26.01 24.98 -1.38
C SER A 203 -26.25 26.30 -2.09
N LEU A 204 -27.08 26.31 -3.13
CA LEU A 204 -27.38 27.55 -3.84
C LEU A 204 -28.35 28.44 -3.07
N PHE A 205 -29.04 27.91 -2.07
CA PHE A 205 -30.04 28.67 -1.34
C PHE A 205 -29.69 28.84 0.14
N PHE A 206 -29.41 27.75 0.85
CA PHE A 206 -29.11 27.83 2.28
C PHE A 206 -28.01 26.82 2.58
N VAL A 207 -26.77 27.31 2.67
CA VAL A 207 -25.62 26.41 2.84
C VAL A 207 -25.69 25.63 4.16
N PRO A 208 -26.02 26.25 5.30
CA PRO A 208 -25.97 25.48 6.56
C PRO A 208 -26.82 24.23 6.52
N LEU A 209 -27.98 24.27 5.86
CA LEU A 209 -28.78 23.06 5.73
C LEU A 209 -28.07 22.02 4.88
N SER A 210 -27.31 22.47 3.87
CA SER A 210 -26.52 21.53 3.07
C SER A 210 -25.50 20.80 3.94
N TYR A 211 -24.80 21.54 4.79
CA TYR A 211 -23.86 20.89 5.70
C TYR A 211 -24.59 19.97 6.67
N LEU A 212 -25.75 20.39 7.16
CA LEU A 212 -26.52 19.54 8.07
C LEU A 212 -26.87 18.23 7.39
N LEU A 213 -27.30 18.27 6.13
CA LEU A 213 -27.61 17.04 5.41
C LEU A 213 -26.37 16.19 5.21
N MET A 214 -25.23 16.81 4.91
CA MET A 214 -24.01 16.02 4.74
C MET A 214 -23.68 15.25 6.01
N VAL A 215 -23.75 15.93 7.17
CA VAL A 215 -23.49 15.21 8.42
C VAL A 215 -24.56 14.17 8.69
N THR A 216 -25.81 14.45 8.31
CA THR A 216 -26.87 13.45 8.49
C THR A 216 -26.55 12.18 7.71
N VAL A 217 -25.88 12.33 6.57
CA VAL A 217 -25.50 11.14 5.79
C VAL A 217 -24.72 10.16 6.65
N ILE A 218 -23.76 10.67 7.44
CA ILE A 218 -22.96 9.80 8.29
C ILE A 218 -23.72 9.44 9.57
N LEU A 219 -24.59 10.33 10.05
CA LEU A 219 -25.28 10.08 11.30
C LEU A 219 -26.27 8.91 11.17
N LEU A 220 -27.07 8.92 10.10
CA LEU A 220 -28.18 7.97 10.00
C LEU A 220 -27.76 6.51 10.11
N PRO A 221 -26.73 6.04 9.40
CA PRO A 221 -26.38 4.61 9.49
C PRO A 221 -26.04 4.15 10.90
N TYR A 222 -25.43 5.00 11.71
CA TYR A 222 -24.95 4.60 13.03
C TYR A 222 -25.89 4.99 14.17
N VAL A 223 -26.67 6.05 14.02
CA VAL A 223 -27.61 6.42 15.07
C VAL A 223 -28.94 5.70 14.89
N SER A 224 -29.21 5.19 13.69
CA SER A 224 -30.44 4.45 13.42
C SER A 224 -31.67 5.29 13.77
N GLU A 254 -24.22 -5.43 13.66
CA GLU A 254 -24.01 -6.46 12.64
C GLU A 254 -22.53 -6.81 12.54
N PRO A 255 -22.21 -8.02 12.11
CA PRO A 255 -20.81 -8.41 11.97
C PRO A 255 -20.17 -7.79 10.75
N LEU A 256 -18.85 -7.70 10.79
CA LEU A 256 -18.04 -7.21 9.68
C LEU A 256 -17.08 -8.31 9.24
N SER A 257 -16.82 -8.36 7.94
CA SER A 257 -15.86 -9.34 7.42
C SER A 257 -14.51 -9.14 8.07
N LYS A 258 -14.05 -10.13 8.84
CA LYS A 258 -12.76 -10.00 9.52
C LYS A 258 -11.62 -9.89 8.53
N GLU A 259 -11.73 -10.54 7.36
CA GLU A 259 -10.67 -10.46 6.36
C GLU A 259 -10.52 -9.04 5.84
N ARG A 260 -11.64 -8.37 5.57
CA ARG A 260 -11.57 -6.99 5.10
C ARG A 260 -10.95 -6.08 6.16
N VAL A 261 -11.32 -6.28 7.42
CA VAL A 261 -10.76 -5.47 8.50
C VAL A 261 -9.26 -5.67 8.58
N GLU A 262 -8.83 -6.93 8.51
CA GLU A 262 -7.41 -7.24 8.58
C GLU A 262 -6.65 -6.61 7.41
N ALA A 263 -7.19 -6.72 6.20
CA ALA A 263 -6.50 -6.17 5.04
C ALA A 263 -6.39 -4.66 5.12
N PHE A 264 -7.47 -3.99 5.50
CA PHE A 264 -7.43 -2.53 5.64
C PHE A 264 -6.43 -2.12 6.71
N SER A 265 -6.43 -2.81 7.86
CA SER A 265 -5.51 -2.49 8.93
C SER A 265 -4.07 -2.68 8.49
N ASP A 266 -3.80 -3.79 7.79
CA ASP A 266 -2.43 -4.04 7.32
C ASP A 266 -1.98 -2.97 6.34
N GLY A 267 -2.86 -2.56 5.43
CA GLY A 267 -2.50 -1.50 4.50
C GLY A 267 -2.16 -0.20 5.21
N VAL A 268 -3.01 0.19 6.17
CA VAL A 268 -2.77 1.44 6.89
C VAL A 268 -1.46 1.36 7.67
N TYR A 269 -1.22 0.23 8.35
CA TYR A 269 0.00 0.09 9.13
C TYR A 269 1.22 0.14 8.23
N ALA A 270 1.17 -0.53 7.08
CA ALA A 270 2.31 -0.56 6.17
C ALA A 270 2.61 0.83 5.65
N ILE A 271 1.58 1.62 5.32
CA ILE A 271 1.81 2.97 4.84
C ILE A 271 2.42 3.83 5.94
N VAL A 272 1.86 3.76 7.14
CA VAL A 272 2.30 4.64 8.22
C VAL A 272 3.72 4.31 8.65
N ALA A 273 4.09 3.03 8.62
CA ALA A 273 5.43 2.64 9.03
C ALA A 273 6.49 3.22 8.11
N THR A 274 6.19 3.30 6.81
CA THR A 274 7.18 3.68 5.79
C THR A 274 7.04 5.13 5.33
N LEU A 275 6.12 5.91 5.89
CA LEU A 275 6.01 7.31 5.50
C LEU A 275 7.36 8.03 5.54
N LEU A 276 8.08 7.90 6.65
CA LEU A 276 9.28 8.71 6.82
C LEU A 276 10.43 8.23 5.94
N ILE A 277 10.55 6.93 5.70
CA ILE A 277 11.58 6.48 4.75
C ILE A 277 11.22 6.92 3.35
N LEU A 278 9.93 6.97 3.01
CA LEU A 278 9.56 7.53 1.71
C LEU A 278 9.99 8.98 1.59
N ASP A 279 9.82 9.77 2.65
CA ASP A 279 10.32 11.14 2.61
C ASP A 279 11.84 11.18 2.47
N ILE A 280 12.54 10.32 3.22
CA ILE A 280 14.00 10.35 3.23
C ILE A 280 14.57 9.99 1.87
N CYS A 281 14.05 8.93 1.25
CA CYS A 281 14.60 8.47 -0.02
C CYS A 281 14.55 9.54 -1.09
N GLU A 282 13.60 10.47 -0.98
CA GLU A 282 13.45 11.54 -1.95
C GLU A 282 14.24 12.78 -1.56
N ASP A 283 14.19 13.17 -0.29
CA ASP A 283 14.74 14.46 0.09
C ASP A 283 16.18 14.38 0.59
N ASN A 284 16.59 13.27 1.21
CA ASN A 284 17.79 13.25 2.02
C ASN A 284 18.92 12.40 1.47
N VAL A 285 19.05 12.28 0.15
CA VAL A 285 20.27 11.72 -0.44
C VAL A 285 21.20 12.90 -0.71
N PRO A 286 22.41 12.94 -0.15
CA PRO A 286 23.23 14.15 -0.28
C PRO A 286 23.53 14.48 -1.74
N ASP A 287 23.62 15.77 -2.02
CA ASP A 287 23.97 16.26 -3.34
C ASP A 287 25.48 16.41 -3.43
N PRO A 288 26.15 15.77 -4.40
CA PRO A 288 27.62 15.85 -4.43
C PRO A 288 28.16 17.26 -4.41
N LYS A 289 27.49 18.20 -5.08
CA LYS A 289 27.90 19.59 -5.04
C LYS A 289 27.84 20.13 -3.61
N ASP A 290 26.72 19.88 -2.92
CA ASP A 290 26.60 20.34 -1.54
C ASP A 290 27.62 19.65 -0.64
N VAL A 291 27.85 18.36 -0.86
CA VAL A 291 28.83 17.65 -0.05
C VAL A 291 30.21 18.27 -0.22
N LYS A 292 30.56 18.62 -1.46
CA LYS A 292 31.90 19.14 -1.71
C LYS A 292 32.05 20.57 -1.20
N GLU A 293 30.97 21.37 -1.26
CA GLU A 293 31.10 22.77 -0.84
C GLU A 293 30.89 22.96 0.66
N ARG A 294 29.86 22.34 1.24
CA ARG A 294 29.47 22.67 2.61
C ARG A 294 30.08 21.75 3.64
N PHE A 295 30.41 20.51 3.27
CA PHE A 295 30.95 19.53 4.19
C PHE A 295 32.40 19.17 3.88
N SER A 296 33.08 19.96 3.06
CA SER A 296 34.48 19.72 2.73
C SER A 296 34.68 18.33 2.13
N GLY A 297 33.73 17.90 1.31
CA GLY A 297 33.86 16.63 0.62
C GLY A 297 33.73 15.41 1.50
N SER A 298 33.30 15.57 2.75
CA SER A 298 33.14 14.45 3.67
C SER A 298 31.70 13.96 3.58
N LEU A 299 31.50 12.79 2.98
CA LEU A 299 30.16 12.24 2.89
C LEU A 299 29.63 11.83 4.25
N VAL A 300 30.51 11.37 5.15
CA VAL A 300 30.06 10.97 6.48
C VAL A 300 29.49 12.17 7.23
N ALA A 301 30.13 13.34 7.10
CA ALA A 301 29.60 14.54 7.74
C ALA A 301 28.24 14.91 7.17
N ALA A 302 28.10 14.85 5.85
CA ALA A 302 26.82 15.17 5.22
C ALA A 302 25.72 14.23 5.69
N LEU A 303 26.04 12.95 5.83
CA LEU A 303 25.06 11.99 6.34
C LEU A 303 24.75 12.21 7.81
N SER A 304 25.73 12.63 8.59
CA SER A 304 25.49 12.92 10.00
C SER A 304 24.59 14.15 10.16
N ALA A 305 24.69 15.10 9.24
CA ALA A 305 23.83 16.27 9.30
C ALA A 305 22.35 15.90 9.22
N THR A 306 22.04 14.73 8.67
CA THR A 306 20.66 14.27 8.54
C THR A 306 20.32 13.12 9.49
N GLY A 307 21.05 12.98 10.59
CA GLY A 307 20.83 11.90 11.53
C GLY A 307 19.45 11.91 12.15
N PRO A 308 18.97 13.09 12.56
CA PRO A 308 17.64 13.15 13.20
C PRO A 308 16.53 12.55 12.36
N ARG A 309 16.57 12.72 11.04
CA ARG A 309 15.54 12.12 10.19
C ARG A 309 15.58 10.60 10.27
N PHE A 310 16.78 10.02 10.26
CA PHE A 310 16.89 8.57 10.37
C PHE A 310 16.42 8.09 11.74
N LEU A 311 16.74 8.82 12.80
CA LEU A 311 16.27 8.44 14.13
C LEU A 311 14.75 8.49 14.20
N ALA A 312 14.15 9.53 13.62
CA ALA A 312 12.69 9.61 13.58
C ALA A 312 12.10 8.42 12.85
N TYR A 313 12.69 8.06 11.70
CA TYR A 313 12.17 6.91 10.96
C TYR A 313 12.31 5.63 11.76
N PHE A 314 13.45 5.43 12.42
CA PHE A 314 13.64 4.22 13.21
C PHE A 314 12.58 4.12 14.29
N GLY A 315 12.39 5.20 15.06
CA GLY A 315 11.40 5.17 16.12
C GLY A 315 10.00 4.94 15.59
N SER A 316 9.63 5.64 14.52
CA SER A 316 8.27 5.51 14.00
C SER A 316 8.01 4.11 13.47
N PHE A 317 8.97 3.56 12.73
CA PHE A 317 8.81 2.21 12.21
C PHE A 317 8.70 1.21 13.35
N ALA A 318 9.55 1.32 14.38
CA ALA A 318 9.48 0.38 15.48
C ALA A 318 8.13 0.45 16.18
N THR A 319 7.66 1.66 16.48
CA THR A 319 6.39 1.79 17.19
C THR A 319 5.22 1.27 16.36
N VAL A 320 5.18 1.63 15.07
CA VAL A 320 4.07 1.19 14.24
C VAL A 320 4.11 -0.31 14.02
N GLY A 321 5.32 -0.87 13.86
CA GLY A 321 5.43 -2.30 13.68
C GLY A 321 5.01 -3.07 14.91
N LEU A 322 5.35 -2.57 16.09
CA LEU A 322 4.93 -3.25 17.31
C LEU A 322 3.44 -3.08 17.59
N LEU A 323 2.86 -1.94 17.24
CA LEU A 323 1.41 -1.82 17.32
C LEU A 323 0.73 -2.78 16.35
N TRP A 324 1.28 -2.94 15.15
CA TRP A 324 0.74 -3.94 14.24
C TRP A 324 0.90 -5.34 14.81
N PHE A 325 2.02 -5.61 15.49
CA PHE A 325 2.21 -6.91 16.10
C PHE A 325 1.14 -7.19 17.14
N ALA A 326 0.82 -6.19 17.97
CA ALA A 326 -0.25 -6.36 18.94
C ALA A 326 -1.60 -6.58 18.25
N HIS A 327 -1.88 -5.83 17.20
CA HIS A 327 -3.12 -6.00 16.45
C HIS A 327 -3.20 -7.40 15.84
N HIS A 328 -2.09 -7.85 15.27
CA HIS A 328 -2.04 -9.18 14.64
C HIS A 328 -2.33 -10.23 15.68
N SER A 329 -1.65 -10.17 16.82
CA SER A 329 -1.88 -11.13 17.88
C SER A 329 -3.33 -11.12 18.33
N LEU A 330 -3.91 -9.93 18.49
CA LEU A 330 -5.30 -9.85 18.93
C LEU A 330 -6.22 -10.52 17.93
N PHE A 331 -6.02 -10.27 16.63
CA PHE A 331 -6.95 -10.76 15.63
C PHE A 331 -6.69 -12.20 15.26
N LEU A 332 -5.55 -12.77 15.64
CA LEU A 332 -5.39 -14.21 15.47
C LEU A 332 -6.37 -15.01 16.31
N HIS A 333 -6.92 -14.40 17.36
CA HIS A 333 -7.83 -15.08 18.28
C HIS A 333 -9.26 -14.61 18.16
N VAL A 334 -9.59 -13.80 17.15
CA VAL A 334 -10.93 -13.27 16.97
C VAL A 334 -11.72 -14.21 16.08
N ARG A 335 -12.90 -14.62 16.55
CA ARG A 335 -13.76 -15.46 15.73
C ARG A 335 -14.57 -14.64 14.74
N LYS A 336 -15.21 -13.58 15.22
CA LYS A 336 -15.97 -12.68 14.36
C LYS A 336 -15.83 -11.26 14.90
N ALA A 337 -15.75 -10.30 13.99
CA ALA A 337 -15.60 -8.91 14.35
C ALA A 337 -16.97 -8.24 14.33
N THR A 338 -17.34 -7.58 15.43
CA THR A 338 -18.61 -6.88 15.51
C THR A 338 -18.44 -5.44 15.03
N ARG A 339 -19.57 -4.72 15.00
CA ARG A 339 -19.53 -3.33 14.56
C ARG A 339 -18.78 -2.45 15.55
N ALA A 340 -18.93 -2.73 16.85
CA ALA A 340 -18.20 -1.97 17.85
C ALA A 340 -16.70 -2.17 17.70
N MET A 341 -16.27 -3.41 17.46
CA MET A 341 -14.86 -3.67 17.22
C MET A 341 -14.38 -2.93 15.98
N GLY A 342 -15.21 -2.86 14.94
CA GLY A 342 -14.82 -2.12 13.75
C GLY A 342 -14.64 -0.64 14.02
N LEU A 343 -15.57 -0.05 14.78
CA LEU A 343 -15.45 1.37 15.11
C LEU A 343 -14.20 1.65 15.92
N LEU A 344 -13.92 0.80 16.91
CA LEU A 344 -12.72 0.99 17.73
C LEU A 344 -11.46 0.79 16.91
N ASN A 345 -11.48 -0.16 15.98
CA ASN A 345 -10.34 -0.36 15.09
C ASN A 345 -10.12 0.86 14.22
N THR A 346 -11.20 1.46 13.72
CA THR A 346 -11.08 2.68 12.93
C THR A 346 -10.45 3.80 13.75
N LEU A 347 -10.90 3.98 14.99
CA LEU A 347 -10.31 5.02 15.83
C LEU A 347 -8.84 4.77 16.08
N SER A 348 -8.48 3.51 16.36
CA SER A 348 -7.08 3.20 16.63
C SER A 348 -6.22 3.47 15.40
N LEU A 349 -6.70 3.10 14.21
CA LEU A 349 -5.93 3.35 12.99
C LEU A 349 -5.80 4.85 12.73
N ALA A 350 -6.88 5.60 12.96
CA ALA A 350 -6.84 7.04 12.75
C ALA A 350 -5.78 7.67 13.62
N PHE A 351 -5.69 7.24 14.88
CA PHE A 351 -4.68 7.81 15.77
C PHE A 351 -3.30 7.22 15.52
N VAL A 352 -3.23 6.03 14.95
CA VAL A 352 -1.94 5.45 14.58
C VAL A 352 -1.31 6.27 13.45
N GLY A 353 -2.14 6.79 12.57
CA GLY A 353 -1.63 7.57 11.45
C GLY A 353 -0.80 8.76 11.87
N GLY A 354 -0.93 9.19 13.12
CA GLY A 354 -0.22 10.35 13.63
C GLY A 354 1.12 10.09 14.27
N LEU A 355 1.58 8.84 14.35
CA LEU A 355 2.86 8.55 14.98
C LEU A 355 4.04 9.19 14.26
N PRO A 356 4.12 9.16 12.93
CA PRO A 356 5.26 9.81 12.27
C PRO A 356 5.43 11.26 12.65
N LEU A 357 4.33 12.00 12.81
CA LEU A 357 4.44 13.39 13.25
C LEU A 357 5.04 13.48 14.64
N ALA A 358 4.61 12.60 15.56
CA ALA A 358 5.15 12.61 16.91
C ALA A 358 6.65 12.36 16.89
N TYR A 359 7.09 11.39 16.10
CA TYR A 359 8.51 11.04 16.12
C TYR A 359 9.35 12.09 15.40
N GLN A 360 8.81 12.72 14.35
CA GLN A 360 9.48 13.86 13.74
C GLN A 360 9.67 14.96 14.78
N GLN A 361 8.61 15.29 15.51
CA GLN A 361 8.70 16.37 16.49
C GLN A 361 9.73 16.05 17.56
N THR A 362 9.73 14.82 18.08
CA THR A 362 10.68 14.45 19.12
C THR A 362 12.12 14.37 18.61
N SER A 363 12.33 13.94 17.35
CA SER A 363 13.67 13.86 16.82
C SER A 363 14.24 15.23 16.49
N ALA A 364 13.42 16.16 16.02
CA ALA A 364 13.92 17.51 15.77
C ALA A 364 14.62 18.06 17.02
N PHE A 365 14.01 17.87 18.18
CA PHE A 365 14.69 18.03 19.47
C PHE A 365 15.30 19.43 19.62
N ALA A 366 14.42 20.43 19.65
CA ALA A 366 14.85 21.77 20.05
C ALA A 366 15.37 21.72 21.47
N ARG A 367 16.54 22.33 21.69
CA ARG A 367 17.21 22.20 22.98
C ARG A 367 16.43 22.80 24.13
N GLN A 368 15.43 23.63 23.85
CA GLN A 368 14.68 24.28 24.92
C GLN A 368 13.96 23.23 25.76
N PRO A 369 14.21 23.17 27.08
CA PRO A 369 13.57 22.11 27.88
C PRO A 369 12.05 22.12 27.80
N ARG A 370 11.41 23.29 27.79
CA ARG A 370 9.96 23.32 27.74
C ARG A 370 9.43 22.78 26.41
N ASP A 371 10.08 23.16 25.30
CA ASP A 371 9.65 22.67 24.00
C ASP A 371 9.80 21.15 23.92
N GLU A 372 10.93 20.62 24.38
CA GLU A 372 11.12 19.17 24.33
C GLU A 372 10.16 18.45 25.26
N LEU A 373 9.85 19.06 26.40
CA LEU A 373 8.88 18.44 27.30
C LEU A 373 7.52 18.36 26.64
N GLU A 374 7.11 19.44 25.96
CA GLU A 374 5.87 19.43 25.22
C GLU A 374 5.88 18.36 24.14
N ARG A 375 7.00 18.24 23.42
CA ARG A 375 7.10 17.25 22.36
C ARG A 375 6.94 15.83 22.91
N VAL A 376 7.60 15.55 24.04
CA VAL A 376 7.47 14.23 24.65
C VAL A 376 6.05 13.97 25.10
N ARG A 377 5.40 14.96 25.71
CA ARG A 377 4.00 14.78 26.11
C ARG A 377 3.11 14.49 24.92
N VAL A 378 3.30 15.22 23.82
CA VAL A 378 2.46 15.01 22.64
C VAL A 378 2.68 13.61 22.08
N SER A 379 3.94 13.18 22.01
CA SER A 379 4.24 11.86 21.47
C SER A 379 3.62 10.76 22.34
N CYS A 380 3.77 10.89 23.66
CA CYS A 380 3.19 9.90 24.56
C CYS A 380 1.67 9.88 24.44
N THR A 381 1.04 11.04 24.31
CA THR A 381 -0.40 11.09 24.16
C THR A 381 -0.84 10.39 22.88
N ILE A 382 -0.11 10.61 21.79
CA ILE A 382 -0.47 9.98 20.52
C ILE A 382 -0.33 8.46 20.62
N ILE A 383 0.75 7.98 21.24
CA ILE A 383 0.92 6.54 21.38
C ILE A 383 -0.19 5.96 22.25
N PHE A 384 -0.53 6.65 23.34
CA PHE A 384 -1.59 6.17 24.21
C PHE A 384 -2.91 6.09 23.46
N LEU A 385 -3.23 7.11 22.66
CA LEU A 385 -4.47 7.08 21.90
C LEU A 385 -4.46 5.96 20.87
N ALA A 386 -3.30 5.71 20.25
CA ALA A 386 -3.22 4.64 19.27
C ALA A 386 -3.48 3.28 19.92
N SER A 387 -2.93 3.04 21.10
CA SER A 387 -2.98 1.70 21.69
C SER A 387 -4.18 1.47 22.60
N ILE A 388 -4.73 2.51 23.21
CA ILE A 388 -5.85 2.33 24.13
C ILE A 388 -7.07 1.80 23.38
N PHE A 389 -7.20 2.15 22.10
CA PHE A 389 -8.33 1.66 21.33
C PHE A 389 -8.18 0.20 20.92
N GLN A 390 -6.95 -0.28 20.73
CA GLN A 390 -6.75 -1.72 20.62
C GLN A 390 -7.13 -2.44 21.90
N LEU A 391 -6.68 -1.90 23.04
CA LEU A 391 -7.09 -2.48 24.32
C LEU A 391 -8.60 -2.45 24.49
N ALA A 392 -9.24 -1.39 24.00
CA ALA A 392 -10.69 -1.29 24.07
C ALA A 392 -11.38 -2.28 23.15
N MET A 393 -10.82 -2.55 21.98
CA MET A 393 -11.32 -3.64 21.15
C MET A 393 -11.30 -4.95 21.91
N TRP A 394 -10.17 -5.23 22.57
CA TRP A 394 -10.03 -6.48 23.29
C TRP A 394 -11.04 -6.57 24.43
N THR A 395 -11.21 -5.47 25.17
CA THR A 395 -12.15 -5.46 26.28
C THR A 395 -13.59 -5.62 25.78
N THR A 396 -13.93 -4.97 24.66
CA THR A 396 -15.26 -5.11 24.08
C THR A 396 -15.51 -6.55 23.66
N ALA A 397 -14.51 -7.18 23.05
CA ALA A 397 -14.64 -8.58 22.66
C ALA A 397 -14.87 -9.46 23.89
N LEU A 398 -14.18 -9.18 24.99
CA LEU A 398 -14.35 -10.01 26.18
C LEU A 398 -15.78 -10.02 26.68
N LEU A 399 -16.59 -9.02 26.33
CA LEU A 399 -17.98 -8.99 26.76
C LEU A 399 -18.81 -10.09 26.11
N HIS A 400 -18.48 -10.48 24.88
CA HIS A 400 -19.17 -11.55 24.16
C HIS A 400 -18.19 -12.61 23.72
N GLN A 401 -17.13 -12.80 24.52
CA GLN A 401 -16.13 -13.83 24.24
C GLN A 401 -16.73 -15.09 23.64
N ALA A 402 -17.86 -15.54 24.17
CA ALA A 402 -18.41 -16.83 23.74
C ALA A 402 -18.56 -16.90 22.23
N GLU A 403 -18.91 -15.78 21.60
CA GLU A 403 -19.07 -15.75 20.14
C GLU A 403 -17.99 -14.94 19.43
N THR A 404 -17.19 -14.15 20.15
CA THR A 404 -16.26 -13.23 19.53
C THR A 404 -14.81 -13.68 19.59
N LEU A 405 -14.44 -14.50 20.56
CA LEU A 405 -13.05 -14.87 20.79
C LEU A 405 -12.90 -16.38 20.81
N GLN A 406 -11.72 -16.84 20.43
CA GLN A 406 -11.41 -18.26 20.53
C GLN A 406 -11.29 -18.66 21.99
N PRO A 407 -11.55 -19.92 22.33
CA PRO A 407 -11.52 -20.31 23.74
C PRO A 407 -10.16 -20.11 24.40
N SER A 408 -9.10 -19.95 23.62
CA SER A 408 -7.78 -19.79 24.22
C SER A 408 -7.68 -18.53 25.07
N VAL A 409 -8.37 -17.46 24.67
CA VAL A 409 -8.23 -16.16 25.32
C VAL A 409 -9.49 -15.76 26.07
N TRP A 410 -10.36 -16.72 26.38
CA TRP A 410 -11.47 -16.44 27.27
C TRP A 410 -10.96 -16.17 28.68
N PHE A 411 -11.81 -15.60 29.51
CA PHE A 411 -11.46 -15.41 30.91
C PHE A 411 -11.02 -16.74 31.52
N GLY A 412 -9.83 -16.75 32.09
CA GLY A 412 -9.26 -17.97 32.62
C GLY A 412 -8.70 -18.91 31.58
N GLY A 413 -8.56 -18.47 30.33
CA GLY A 413 -8.00 -19.32 29.31
C GLY A 413 -6.49 -19.41 29.41
N ARG A 414 -5.92 -20.26 28.55
CA ARG A 414 -4.48 -20.49 28.57
C ARG A 414 -3.71 -19.21 28.28
N GLU A 415 -4.12 -18.47 27.24
CA GLU A 415 -3.37 -17.30 26.78
C GLU A 415 -4.08 -15.99 27.08
N HIS A 416 -5.00 -15.98 28.04
CA HIS A 416 -5.73 -14.75 28.33
C HIS A 416 -4.81 -13.68 28.92
N VAL A 417 -4.01 -14.06 29.92
CA VAL A 417 -3.13 -13.09 30.57
C VAL A 417 -2.08 -12.59 29.59
N LEU A 418 -1.58 -13.47 28.72
CA LEU A 418 -0.60 -13.05 27.73
C LEU A 418 -1.19 -12.03 26.76
N MET A 419 -2.41 -12.27 26.28
CA MET A 419 -3.06 -11.30 25.40
C MET A 419 -3.28 -9.98 26.11
N PHE A 420 -3.73 -10.03 27.37
CA PHE A 420 -3.94 -8.81 28.14
C PHE A 420 -2.64 -8.02 28.26
N ALA A 421 -1.54 -8.69 28.62
CA ALA A 421 -0.26 -8.02 28.77
C ALA A 421 0.21 -7.45 27.44
N LYS A 422 0.06 -8.22 26.36
CA LYS A 422 0.50 -7.76 25.05
C LYS A 422 -0.22 -6.49 24.63
N LEU A 423 -1.53 -6.41 24.89
CA LEU A 423 -2.29 -5.24 24.48
C LEU A 423 -2.17 -4.07 25.44
N ALA A 424 -1.86 -4.33 26.71
CA ALA A 424 -1.71 -3.25 27.68
C ALA A 424 -0.27 -2.77 27.83
N LEU A 425 0.67 -3.40 27.13
CA LEU A 425 2.07 -3.01 27.26
C LEU A 425 2.28 -1.56 26.83
N TYR A 426 1.67 -1.15 25.72
CA TYR A 426 1.95 0.17 25.18
C TYR A 426 1.20 1.27 25.94
N PRO A 427 -0.09 1.11 26.21
CA PRO A 427 -0.77 2.14 27.01
C PRO A 427 -0.09 2.40 28.35
N CYS A 428 0.35 1.35 29.04
CA CYS A 428 1.01 1.53 30.32
C CYS A 428 2.33 2.28 30.16
N ALA A 429 3.12 1.91 29.15
CA ALA A 429 4.39 2.58 28.93
C ALA A 429 4.19 4.06 28.60
N SER A 430 3.24 4.35 27.72
CA SER A 430 2.98 5.74 27.35
C SER A 430 2.50 6.54 28.55
N LEU A 431 1.58 5.97 29.34
CA LEU A 431 1.10 6.67 30.51
C LEU A 431 2.21 6.90 31.52
N LEU A 432 3.10 5.93 31.70
CA LEU A 432 4.22 6.09 32.62
C LEU A 432 5.16 7.19 32.15
N ALA A 433 5.46 7.23 30.86
CA ALA A 433 6.32 8.29 30.35
C ALA A 433 5.68 9.66 30.53
N PHE A 434 4.38 9.74 30.25
CA PHE A 434 3.67 11.01 30.42
C PHE A 434 3.70 11.46 31.88
N ALA A 435 3.50 10.51 32.80
CA ALA A 435 3.55 10.85 34.22
C ALA A 435 4.95 11.28 34.64
N SER A 436 5.97 10.59 34.14
CA SER A 436 7.34 10.99 34.43
C SER A 436 7.62 12.39 33.94
N THR A 437 7.01 12.78 32.82
CA THR A 437 7.19 14.13 32.32
C THR A 437 6.70 15.18 33.30
N CYS A 438 5.75 14.85 34.16
CA CYS A 438 5.24 15.79 35.16
C CYS A 438 5.92 15.64 36.52
N LEU A 439 6.36 14.44 36.86
CA LEU A 439 7.01 14.18 38.13
C LEU A 439 8.54 14.19 38.03
N LEU A 440 9.10 13.62 36.97
CA LEU A 440 10.53 13.52 36.76
C LEU A 440 10.96 14.36 35.56
N SER A 441 10.49 15.60 35.50
CA SER A 441 10.59 16.39 34.28
C SER A 441 11.99 16.39 33.70
N ARG A 442 13.01 16.55 34.55
CA ARG A 442 14.37 16.68 34.03
C ARG A 442 14.82 15.40 33.34
N PHE A 443 14.51 14.24 33.93
CA PHE A 443 14.86 12.97 33.31
C PHE A 443 13.88 12.54 32.22
N SER A 444 12.69 13.15 32.18
CA SER A 444 11.61 12.61 31.35
C SER A 444 12.05 12.34 29.92
N VAL A 445 12.77 13.28 29.31
CA VAL A 445 13.16 13.09 27.92
C VAL A 445 13.95 11.80 27.77
N GLY A 446 14.97 11.61 28.61
CA GLY A 446 15.71 10.37 28.57
C GLY A 446 14.80 9.17 28.79
N ILE A 447 13.85 9.30 29.73
CA ILE A 447 12.93 8.21 29.98
C ILE A 447 12.18 7.86 28.70
N PHE A 448 11.76 8.88 27.94
CA PHE A 448 11.10 8.59 26.68
C PHE A 448 11.96 7.69 25.81
N HIS A 449 13.23 8.04 25.64
CA HIS A 449 14.13 7.18 24.88
C HIS A 449 14.22 5.81 25.50
N LEU A 450 14.32 5.75 26.83
CA LEU A 450 14.31 4.46 27.52
C LEU A 450 13.09 3.65 27.11
N MET A 451 11.92 4.30 27.03
CA MET A 451 10.73 3.60 26.58
C MET A 451 10.94 2.96 25.22
N GLN A 452 11.48 3.73 24.27
CA GLN A 452 11.67 3.20 22.93
C GLN A 452 12.55 1.95 22.95
N ILE A 453 13.41 1.81 23.96
CA ILE A 453 14.24 0.63 24.05
C ILE A 453 13.54 -0.46 24.85
N ALA A 454 12.77 -0.07 25.87
CA ALA A 454 12.23 -1.07 26.79
C ALA A 454 11.06 -1.83 26.16
N VAL A 455 10.17 -1.13 25.45
CA VAL A 455 8.96 -1.78 24.95
C VAL A 455 9.30 -2.89 23.96
N PRO A 456 10.18 -2.70 22.98
CA PRO A 456 10.51 -3.83 22.09
C PRO A 456 11.03 -5.04 22.86
N CYS A 457 11.98 -4.82 23.78
CA CYS A 457 12.49 -5.93 24.56
C CYS A 457 11.38 -6.62 25.33
N ALA A 458 10.51 -5.84 25.96
CA ALA A 458 9.38 -6.42 26.69
C ALA A 458 8.54 -7.29 25.76
N PHE A 459 8.42 -6.91 24.49
CA PHE A 459 7.67 -7.74 23.55
C PHE A 459 8.39 -9.06 23.30
N LEU A 460 9.72 -9.02 23.18
CA LEU A 460 10.48 -10.26 22.99
C LEU A 460 10.35 -11.16 24.21
N LEU A 461 10.58 -10.62 25.40
CA LEU A 461 10.56 -11.40 26.62
C LEU A 461 9.18 -11.45 27.26
N LEU A 462 8.12 -11.16 26.50
CA LEU A 462 6.81 -10.99 27.12
C LEU A 462 6.35 -12.26 27.83
N ARG A 463 6.56 -13.42 27.21
CA ARG A 463 6.13 -14.67 27.85
C ARG A 463 6.91 -14.93 29.12
N LEU A 464 8.23 -14.68 29.10
CA LEU A 464 9.03 -14.86 30.31
C LEU A 464 8.60 -13.89 31.40
N LEU A 465 8.32 -12.64 31.04
CA LEU A 465 7.86 -11.68 32.04
C LEU A 465 6.52 -12.08 32.63
N VAL A 466 5.61 -12.56 31.78
CA VAL A 466 4.29 -12.99 32.26
C VAL A 466 4.44 -14.17 33.20
N GLY A 467 5.28 -15.14 32.83
CA GLY A 467 5.52 -16.28 33.70
C GLY A 467 6.13 -15.85 35.04
N LEU A 468 7.06 -14.90 34.98
CA LEU A 468 7.67 -14.40 36.22
C LEU A 468 6.64 -13.73 37.11
N ALA A 469 5.77 -12.91 36.52
CA ALA A 469 4.73 -12.24 37.30
C ALA A 469 3.77 -13.26 37.90
N LEU A 470 3.41 -14.28 37.13
CA LEU A 470 2.53 -15.32 37.65
C LEU A 470 3.17 -16.07 38.82
N ALA A 471 4.44 -16.42 38.67
CA ALA A 471 5.14 -17.11 39.76
C ALA A 471 5.22 -16.22 41.00
N THR A 472 5.51 -14.93 40.80
CA THR A 472 5.59 -14.02 41.93
C THR A 472 4.26 -13.90 42.66
N LEU A 473 3.16 -13.80 41.90
CA LEU A 473 1.86 -13.69 42.54
C LEU A 473 1.42 -15.01 43.15
N ARG A 474 2.00 -16.13 42.70
CA ARG A 474 1.67 -17.42 43.30
C ARG A 474 1.95 -17.41 44.79
N VAL A 475 3.10 -16.86 45.18
CA VAL A 475 3.45 -16.80 46.60
C VAL A 475 2.83 -15.57 47.26
N LEU A 476 2.81 -14.44 46.55
CA LEU A 476 2.19 -13.22 47.08
C LEU A 476 0.68 -13.27 46.87
N ILE B 30 2.39 -21.70 18.19
CA ILE B 30 2.29 -21.70 16.71
C ILE B 30 1.10 -20.87 16.27
N GLN B 31 1.24 -20.24 15.10
CA GLN B 31 0.20 -19.37 14.56
C GLN B 31 0.24 -19.46 13.04
N CYS B 32 -0.88 -19.09 12.41
CA CYS B 32 -0.95 -19.03 10.96
C CYS B 32 -0.14 -17.84 10.46
N SER B 33 0.64 -18.07 9.40
CA SER B 33 1.57 -17.04 8.92
C SER B 33 1.01 -16.21 7.78
N GLN B 34 -0.25 -16.40 7.39
CA GLN B 34 -0.77 -15.72 6.20
C GLN B 34 -0.75 -14.20 6.36
N ARG B 35 -1.26 -13.69 7.48
CA ARG B 35 -1.38 -12.25 7.64
C ARG B 35 -0.01 -11.59 7.78
N MET B 36 0.93 -12.26 8.44
CA MET B 36 2.28 -11.73 8.55
C MET B 36 2.91 -11.57 7.17
N LEU B 37 2.71 -12.56 6.30
CA LEU B 37 3.26 -12.48 4.95
C LEU B 37 2.52 -11.45 4.09
N SER B 38 1.21 -11.27 4.35
CA SER B 38 0.50 -10.19 3.66
C SER B 38 1.06 -8.83 4.04
N PHE B 39 1.34 -8.63 5.32
CA PHE B 39 1.95 -7.39 5.77
C PHE B 39 3.33 -7.22 5.14
N SER B 40 4.10 -8.30 5.08
CA SER B 40 5.40 -8.24 4.43
C SER B 40 5.28 -7.83 2.97
N ASP B 41 4.30 -8.40 2.26
CA ASP B 41 4.10 -8.06 0.85
C ASP B 41 3.73 -6.59 0.69
N ALA B 42 2.87 -6.08 1.57
CA ALA B 42 2.50 -4.67 1.50
C ALA B 42 3.72 -3.77 1.68
N LEU B 43 4.50 -4.04 2.74
CA LEU B 43 5.70 -3.23 2.98
C LEU B 43 6.66 -3.33 1.80
N LEU B 44 6.86 -4.53 1.26
CA LEU B 44 7.83 -4.70 0.20
C LEU B 44 7.38 -4.04 -1.09
N SER B 45 6.08 -4.04 -1.39
CA SER B 45 5.60 -3.32 -2.56
C SER B 45 5.82 -1.83 -2.41
N ILE B 46 5.53 -1.29 -1.22
CA ILE B 46 5.81 0.13 -0.99
C ILE B 46 7.29 0.43 -1.21
N ILE B 47 8.16 -0.41 -0.65
CA ILE B 47 9.59 -0.14 -0.75
C ILE B 47 10.08 -0.29 -2.17
N ALA B 48 9.55 -1.24 -2.92
CA ALA B 48 9.96 -1.42 -4.31
C ALA B 48 9.57 -0.23 -5.16
N THR B 49 8.37 0.31 -4.93
CA THR B 49 7.91 1.43 -5.75
C THR B 49 8.31 2.79 -5.18
N VAL B 50 9.03 2.84 -4.06
CA VAL B 50 9.40 4.12 -3.48
C VAL B 50 10.10 5.01 -4.48
N MET B 51 11.04 4.46 -5.25
CA MET B 51 11.91 5.29 -6.06
C MET B 51 11.25 5.79 -7.35
N ILE B 52 9.95 5.54 -7.52
CA ILE B 52 9.22 6.11 -8.66
C ILE B 52 8.82 7.55 -8.41
N LEU B 53 8.76 7.98 -7.15
CA LEU B 53 8.37 9.35 -6.86
C LEU B 53 9.33 10.38 -7.44
N PRO B 54 10.65 10.23 -7.34
CA PRO B 54 11.53 11.19 -8.00
C PRO B 54 11.29 11.29 -9.50
N VAL B 55 10.89 10.21 -10.14
CA VAL B 55 10.63 10.24 -11.58
C VAL B 55 9.41 11.10 -11.86
N THR B 56 8.32 10.87 -11.14
CA THR B 56 7.07 11.57 -11.42
C THR B 56 7.14 13.02 -10.96
N HIS B 57 7.98 13.34 -9.99
CA HIS B 57 8.15 14.70 -9.52
C HIS B 57 9.17 15.48 -10.35
N THR B 58 9.75 14.88 -11.38
CA THR B 58 10.68 15.58 -12.24
C THR B 58 9.91 16.49 -13.18
N GLU B 59 9.99 17.80 -12.95
CA GLU B 59 9.33 18.76 -13.83
C GLU B 59 10.01 18.75 -15.19
N ILE B 60 9.21 18.66 -16.25
CA ILE B 60 9.76 18.60 -17.60
C ILE B 60 8.69 19.01 -18.61
N ASP B 67 18.80 21.81 -22.27
CA ASP B 67 17.74 20.85 -22.01
C ASP B 67 18.32 19.45 -21.82
N ARG B 68 19.56 19.26 -22.26
CA ARG B 68 20.22 17.97 -22.11
C ARG B 68 20.33 17.57 -20.64
N SER B 69 20.51 18.55 -19.75
CA SER B 69 20.65 18.24 -18.34
C SER B 69 19.38 17.61 -17.79
N VAL B 70 18.22 18.13 -18.18
CA VAL B 70 16.96 17.57 -17.69
C VAL B 70 16.78 16.15 -18.20
N GLN B 71 17.08 15.91 -19.48
CA GLN B 71 16.97 14.55 -20.01
C GLN B 71 17.92 13.61 -19.29
N ARG B 72 19.15 14.04 -19.05
CA ARG B 72 20.10 13.17 -18.35
C ARG B 72 19.60 12.87 -16.94
N LEU B 73 19.07 13.88 -16.24
CA LEU B 73 18.55 13.66 -14.90
C LEU B 73 17.40 12.67 -14.91
N LEU B 74 16.49 12.80 -15.87
CA LEU B 74 15.36 11.88 -15.96
C LEU B 74 15.83 10.46 -16.25
N ALA B 75 16.79 10.32 -17.17
CA ALA B 75 17.30 8.98 -17.49
C ALA B 75 17.96 8.35 -16.27
N THR B 76 18.74 9.13 -15.53
CA THR B 76 19.38 8.62 -14.33
C THR B 76 18.33 8.18 -13.31
N ARG B 77 17.30 8.99 -13.12
CA ARG B 77 16.26 8.64 -12.15
C ARG B 77 15.52 7.38 -12.57
N ILE B 78 15.21 7.24 -13.85
CA ILE B 78 14.51 6.05 -14.32
C ILE B 78 15.38 4.82 -14.14
N ALA B 79 16.66 4.92 -14.46
CA ALA B 79 17.57 3.78 -14.28
C ALA B 79 17.66 3.40 -12.81
N VAL B 80 17.78 4.38 -11.93
CA VAL B 80 17.85 4.09 -10.50
C VAL B 80 16.56 3.43 -10.03
N TYR B 81 15.42 3.91 -10.50
CA TYR B 81 14.15 3.31 -10.12
C TYR B 81 14.10 1.85 -10.56
N LEU B 82 14.49 1.57 -11.81
CA LEU B 82 14.45 0.19 -12.29
C LEU B 82 15.36 -0.71 -11.46
N MET B 83 16.59 -0.24 -11.20
CA MET B 83 17.54 -1.07 -10.46
C MET B 83 17.05 -1.32 -9.03
N THR B 84 16.54 -0.28 -8.37
CA THR B 84 16.05 -0.46 -7.00
C THR B 84 14.83 -1.38 -6.98
N PHE B 85 13.94 -1.26 -7.97
CA PHE B 85 12.80 -2.15 -8.04
C PHE B 85 13.26 -3.60 -8.17
N LEU B 86 14.24 -3.85 -9.04
CA LEU B 86 14.72 -5.21 -9.23
C LEU B 86 15.40 -5.75 -7.97
N ILE B 87 16.17 -4.89 -7.29
CA ILE B 87 16.86 -5.33 -6.07
C ILE B 87 15.83 -5.68 -4.99
N VAL B 88 14.84 -4.82 -4.79
CA VAL B 88 13.83 -5.09 -3.78
C VAL B 88 13.01 -6.32 -4.16
N THR B 89 12.81 -6.55 -5.46
CA THR B 89 12.09 -7.76 -5.87
C THR B 89 12.92 -9.00 -5.58
N VAL B 90 14.24 -8.94 -5.77
CA VAL B 90 15.10 -10.06 -5.42
C VAL B 90 15.00 -10.34 -3.92
N ALA B 91 15.04 -9.29 -3.12
CA ALA B 91 14.89 -9.45 -1.67
C ALA B 91 13.53 -10.06 -1.33
N TRP B 92 12.48 -9.60 -2.00
CA TRP B 92 11.14 -10.13 -1.74
C TRP B 92 11.05 -11.60 -2.08
N ALA B 93 11.64 -12.01 -3.21
CA ALA B 93 11.61 -13.41 -3.60
C ALA B 93 12.38 -14.28 -2.59
N ALA B 94 13.53 -13.79 -2.14
CA ALA B 94 14.28 -14.52 -1.12
C ALA B 94 13.43 -14.69 0.14
N HIS B 95 12.74 -13.63 0.54
CA HIS B 95 11.86 -13.71 1.71
C HIS B 95 10.74 -14.72 1.49
N THR B 96 10.14 -14.71 0.30
CA THR B 96 9.03 -15.61 0.01
C THR B 96 9.46 -17.06 0.13
N ARG B 97 10.61 -17.41 -0.43
CA ARG B 97 11.03 -18.81 -0.31
C ARG B 97 11.55 -19.14 1.08
N LEU B 98 12.17 -18.18 1.77
CA LEU B 98 12.52 -18.41 3.18
C LEU B 98 11.29 -18.82 3.97
N PHE B 99 10.18 -18.12 3.80
CA PHE B 99 8.99 -18.44 4.58
C PHE B 99 8.12 -19.50 3.92
N GLN B 100 8.47 -19.95 2.73
CA GLN B 100 8.04 -21.27 2.28
C GLN B 100 8.71 -22.38 3.07
N VAL B 101 10.00 -22.22 3.38
CA VAL B 101 10.66 -23.19 4.25
C VAL B 101 10.03 -23.19 5.63
N VAL B 102 9.75 -22.01 6.19
CA VAL B 102 9.15 -21.88 7.50
C VAL B 102 7.63 -21.93 7.38
N GLY B 103 7.05 -23.07 7.69
CA GLY B 103 5.63 -23.26 7.47
C GLY B 103 4.74 -22.40 8.33
N LYS B 104 5.04 -22.32 9.63
CA LYS B 104 4.18 -21.63 10.58
C LYS B 104 4.99 -20.61 11.37
N THR B 105 4.30 -19.58 11.85
CA THR B 105 4.95 -18.44 12.48
C THR B 105 4.79 -18.50 14.00
N ASP B 106 5.40 -17.51 14.66
CA ASP B 106 5.44 -17.45 16.11
C ASP B 106 5.78 -16.01 16.49
N ASP B 107 5.53 -15.67 17.76
CA ASP B 107 5.79 -14.30 18.20
C ASP B 107 7.22 -13.88 17.92
N THR B 108 8.18 -14.73 18.29
CA THR B 108 9.58 -14.41 18.01
C THR B 108 9.82 -14.33 16.51
N LEU B 109 9.24 -15.25 15.73
CA LEU B 109 9.39 -15.18 14.29
C LEU B 109 8.74 -13.92 13.72
N ALA B 110 7.60 -13.50 14.28
CA ALA B 110 6.97 -12.27 13.82
C ALA B 110 7.86 -11.06 14.08
N LEU B 111 8.47 -10.99 15.26
CA LEU B 111 9.36 -9.86 15.56
C LEU B 111 10.61 -9.90 14.70
N LEU B 112 11.17 -11.09 14.47
CA LEU B 112 12.32 -11.20 13.58
C LEU B 112 11.96 -10.79 12.17
N ASN B 113 10.74 -11.12 11.72
CA ASN B 113 10.29 -10.67 10.41
C ASN B 113 10.16 -9.16 10.36
N LEU B 114 9.69 -8.55 11.44
CA LEU B 114 9.65 -7.09 11.50
C LEU B 114 11.05 -6.50 11.36
N ALA B 115 12.03 -7.10 12.04
CA ALA B 115 13.41 -6.62 11.91
C ALA B 115 13.91 -6.80 10.46
N CYS B 116 13.56 -7.91 9.84
CA CYS B 116 13.97 -8.16 8.45
C CYS B 116 13.37 -7.11 7.52
N MET B 117 12.09 -6.79 7.70
CA MET B 117 11.47 -5.75 6.89
C MET B 117 12.13 -4.39 7.14
N MET B 118 12.45 -4.09 8.40
CA MET B 118 13.13 -2.84 8.71
C MET B 118 14.45 -2.75 7.94
N THR B 119 15.22 -3.83 7.93
CA THR B 119 16.48 -3.82 7.19
C THR B 119 16.24 -3.66 5.69
N ILE B 120 15.23 -4.35 5.16
CA ILE B 120 14.97 -4.27 3.71
C ILE B 120 14.55 -2.88 3.30
N THR B 121 13.90 -2.13 4.19
CA THR B 121 13.40 -0.81 3.81
C THR B 121 14.52 0.16 3.48
N PHE B 122 15.77 -0.17 3.81
CA PHE B 122 16.88 0.74 3.55
C PHE B 122 17.60 0.46 2.23
N LEU B 123 17.21 -0.57 1.49
CA LEU B 123 17.89 -0.88 0.24
C LEU B 123 17.80 0.25 -0.78
N PRO B 124 16.65 0.85 -1.06
CA PRO B 124 16.61 1.92 -2.05
C PRO B 124 17.49 3.11 -1.70
N TYR B 125 17.47 3.54 -0.44
CA TYR B 125 18.26 4.71 -0.05
C TYR B 125 19.75 4.42 -0.17
N THR B 126 20.19 3.27 0.32
CA THR B 126 21.61 2.95 0.27
C THR B 126 22.08 2.73 -1.17
N PHE B 127 21.24 2.14 -2.01
CA PHE B 127 21.60 1.98 -3.41
C PHE B 127 21.70 3.33 -4.11
N SER B 128 20.76 4.23 -3.84
CA SER B 128 20.81 5.56 -4.43
C SER B 128 22.06 6.30 -3.97
N LEU B 129 22.40 6.17 -2.68
CA LEU B 129 23.59 6.81 -2.15
C LEU B 129 24.84 6.24 -2.80
N MET B 130 24.87 4.93 -3.02
CA MET B 130 26.04 4.29 -3.64
C MET B 130 26.21 4.76 -5.07
N VAL B 131 25.13 4.77 -5.85
CA VAL B 131 25.24 5.18 -7.26
C VAL B 131 25.55 6.66 -7.37
N THR B 132 25.01 7.49 -6.48
CA THR B 132 25.30 8.92 -6.53
C THR B 132 26.75 9.21 -6.18
N PHE B 133 27.39 8.34 -5.40
CA PHE B 133 28.78 8.48 -4.99
C PHE B 133 29.53 7.19 -5.30
N PRO B 134 29.70 6.86 -6.58
CA PRO B 134 30.31 5.57 -6.92
C PRO B 134 31.72 5.39 -6.40
N ASP B 135 32.51 6.46 -6.36
CA ASP B 135 33.91 6.36 -5.98
C ASP B 135 34.13 6.45 -4.47
N VAL B 136 33.11 6.81 -3.71
CA VAL B 136 33.23 6.96 -2.26
C VAL B 136 32.98 5.59 -1.63
N PRO B 137 33.93 5.01 -0.89
CA PRO B 137 33.69 3.68 -0.32
C PRO B 137 32.56 3.63 0.69
N LEU B 138 32.17 4.76 1.27
CA LEU B 138 31.16 4.74 2.32
C LEU B 138 29.81 4.29 1.77
N GLY B 139 29.44 4.75 0.58
CA GLY B 139 28.14 4.38 0.03
C GLY B 139 28.04 2.89 -0.26
N ILE B 140 29.07 2.34 -0.90
CA ILE B 140 29.07 0.90 -1.18
C ILE B 140 29.12 0.12 0.11
N PHE B 141 29.86 0.61 1.10
CA PHE B 141 29.91 -0.06 2.39
C PHE B 141 28.53 -0.09 3.05
N LEU B 142 27.80 1.02 2.97
CA LEU B 142 26.46 1.07 3.57
C LEU B 142 25.50 0.11 2.86
N PHE B 143 25.59 0.06 1.52
CA PHE B 143 24.75 -0.90 0.79
C PHE B 143 25.09 -2.33 1.18
N CYS B 144 26.38 -2.65 1.26
CA CYS B 144 26.78 -3.99 1.64
C CYS B 144 26.34 -4.31 3.06
N VAL B 145 26.38 -3.32 3.95
CA VAL B 145 25.93 -3.52 5.33
C VAL B 145 24.45 -3.82 5.37
N CYS B 146 23.66 -3.10 4.57
CA CYS B 146 22.23 -3.39 4.50
C CYS B 146 21.98 -4.81 4.04
N VAL B 147 22.68 -5.24 2.99
CA VAL B 147 22.49 -6.60 2.48
C VAL B 147 22.90 -7.63 3.53
N ILE B 148 24.03 -7.39 4.19
CA ILE B 148 24.51 -8.32 5.23
C ILE B 148 23.50 -8.40 6.37
N ALA B 149 22.94 -7.26 6.75
CA ALA B 149 21.96 -7.25 7.84
C ALA B 149 20.72 -8.05 7.46
N ILE B 150 20.23 -7.87 6.23
CA ILE B 150 19.09 -8.67 5.78
C ILE B 150 19.42 -10.15 5.90
N GLY B 151 20.58 -10.54 5.36
CA GLY B 151 20.96 -11.94 5.41
C GLY B 151 21.12 -12.48 6.81
N VAL B 152 21.65 -11.67 7.73
CA VAL B 152 21.86 -12.13 9.10
C VAL B 152 20.53 -12.30 9.82
N VAL B 153 19.58 -11.38 9.62
CA VAL B 153 18.27 -11.55 10.21
C VAL B 153 17.59 -12.80 9.67
N GLN B 154 17.72 -13.04 8.36
CA GLN B 154 17.13 -14.24 7.79
C GLN B 154 17.79 -15.50 8.32
N ALA B 155 19.10 -15.45 8.55
CA ALA B 155 19.79 -16.60 9.14
C ALA B 155 19.32 -16.85 10.56
N LEU B 156 19.07 -15.78 11.32
CA LEU B 156 18.49 -15.94 12.65
C LEU B 156 17.12 -16.59 12.57
N ILE B 157 16.30 -16.18 11.60
CA ILE B 157 14.98 -16.78 11.43
C ILE B 157 15.12 -18.27 11.12
N VAL B 158 16.04 -18.62 10.23
CA VAL B 158 16.24 -20.02 9.87
C VAL B 158 16.69 -20.82 11.08
N GLY B 159 17.66 -20.29 11.83
CA GLY B 159 18.13 -21.00 13.00
C GLY B 159 17.05 -21.21 14.04
N TYR B 160 16.26 -20.18 14.30
CA TYR B 160 15.15 -20.31 15.25
C TYR B 160 14.15 -21.35 14.77
N ALA B 161 13.77 -21.29 13.50
CA ALA B 161 12.78 -22.23 12.99
C ALA B 161 13.27 -23.66 13.08
N PHE B 162 14.55 -23.89 12.77
CA PHE B 162 15.09 -25.23 12.82
C PHE B 162 15.37 -25.70 14.25
N HIS B 163 15.50 -24.78 15.21
CA HIS B 163 15.64 -25.19 16.60
C HIS B 163 14.29 -25.63 17.17
N PHE B 164 13.19 -25.21 16.56
CA PHE B 164 11.84 -25.59 16.95
C PHE B 164 11.16 -26.19 15.72
N PRO B 165 11.38 -27.48 15.46
CA PRO B 165 10.96 -28.05 14.18
C PRO B 165 9.47 -27.93 13.88
N HIS B 166 8.62 -27.75 14.90
CA HIS B 166 7.19 -27.65 14.62
C HIS B 166 6.84 -26.37 13.88
N LEU B 167 7.79 -25.43 13.76
CA LEU B 167 7.57 -24.24 12.94
C LEU B 167 7.91 -24.47 11.48
N LEU B 168 8.53 -25.60 11.14
CA LEU B 168 8.90 -25.90 9.77
C LEU B 168 7.71 -26.45 8.99
N SER B 169 7.83 -26.43 7.67
CA SER B 169 6.82 -27.04 6.83
C SER B 169 6.83 -28.55 7.03
N PRO B 170 5.69 -29.22 6.82
CA PRO B 170 5.65 -30.67 7.05
C PRO B 170 6.67 -31.44 6.22
N GLN B 171 6.98 -30.97 5.02
CA GLN B 171 8.00 -31.63 4.21
C GLN B 171 9.35 -31.64 4.93
N ILE B 172 9.73 -30.51 5.53
CA ILE B 172 10.98 -30.45 6.27
C ILE B 172 10.87 -31.26 7.56
N GLN B 173 9.72 -31.15 8.24
CA GLN B 173 9.55 -31.82 9.52
C GLN B 173 9.72 -33.33 9.38
N ARG B 174 9.06 -33.93 8.41
CA ARG B 174 9.07 -35.38 8.28
C ARG B 174 10.37 -35.91 7.69
N SER B 175 11.18 -35.06 7.09
CA SER B 175 12.43 -35.53 6.49
C SER B 175 13.43 -35.89 7.57
N ALA B 176 14.24 -36.91 7.29
CA ALA B 176 15.27 -37.33 8.23
C ALA B 176 16.56 -36.53 8.06
N HIS B 177 16.65 -35.75 6.99
CA HIS B 177 17.87 -34.98 6.70
C HIS B 177 17.71 -33.52 7.10
N ARG B 178 16.99 -33.28 8.20
CA ARG B 178 16.75 -31.90 8.62
C ARG B 178 18.05 -31.12 8.80
N ALA B 179 19.12 -31.79 9.22
CA ALA B 179 20.40 -31.11 9.35
C ALA B 179 20.93 -30.65 8.00
N LEU B 180 20.84 -31.51 6.98
CA LEU B 180 21.27 -31.12 5.65
C LEU B 180 20.38 -30.02 5.08
N TYR B 181 19.08 -30.10 5.34
CA TYR B 181 18.19 -29.02 4.92
C TYR B 181 18.59 -27.70 5.57
N ARG B 182 18.91 -27.75 6.86
CA ARG B 182 19.35 -26.54 7.56
C ARG B 182 20.62 -25.99 6.93
N ARG B 183 21.59 -26.86 6.64
CA ARG B 183 22.83 -26.40 6.05
C ARG B 183 22.57 -25.76 4.69
N HIS B 184 21.75 -26.40 3.86
CA HIS B 184 21.46 -25.87 2.53
C HIS B 184 20.77 -24.52 2.61
N VAL B 185 19.71 -24.43 3.42
CA VAL B 185 18.95 -23.19 3.51
C VAL B 185 19.81 -22.07 4.08
N LEU B 186 20.60 -22.38 5.11
CA LEU B 186 21.44 -21.36 5.73
C LEU B 186 22.52 -20.89 4.76
N GLY B 187 23.11 -21.81 3.98
CA GLY B 187 24.07 -21.39 2.98
C GLY B 187 23.44 -20.48 1.94
N ILE B 188 22.24 -20.84 1.48
CA ILE B 188 21.55 -19.99 0.51
C ILE B 188 21.30 -18.61 1.10
N VAL B 189 20.89 -18.56 2.37
CA VAL B 189 20.59 -17.28 3.01
C VAL B 189 21.85 -16.43 3.13
N LEU B 190 22.95 -17.03 3.55
CA LEU B 190 24.18 -16.29 3.84
C LEU B 190 25.08 -16.11 2.63
N GLN B 191 24.70 -16.63 1.46
CA GLN B 191 25.53 -16.44 0.28
C GLN B 191 25.74 -14.96 -0.03
N GLY B 192 24.66 -14.19 -0.10
CA GLY B 192 24.73 -12.79 -0.47
C GLY B 192 25.55 -11.97 0.50
N PRO B 193 25.30 -12.14 1.79
CA PRO B 193 26.11 -11.42 2.79
C PRO B 193 27.60 -11.66 2.66
N ALA B 194 28.05 -12.88 2.36
CA ALA B 194 29.48 -13.13 2.24
C ALA B 194 30.08 -12.35 1.08
N LEU B 195 29.42 -12.38 -0.08
CA LEU B 195 29.91 -11.66 -1.24
C LEU B 195 29.91 -10.15 -0.98
N CYS B 196 28.87 -9.64 -0.34
CA CYS B 196 28.82 -8.21 -0.07
C CYS B 196 29.85 -7.81 0.98
N PHE B 197 30.15 -8.69 1.92
CA PHE B 197 31.23 -8.43 2.88
C PHE B 197 32.57 -8.37 2.18
N ALA B 198 32.82 -9.29 1.24
CA ALA B 198 34.04 -9.23 0.46
C ALA B 198 34.10 -7.94 -0.34
N ALA B 199 32.98 -7.53 -0.92
CA ALA B 199 32.93 -6.29 -1.69
C ALA B 199 33.22 -5.08 -0.80
N ALA B 200 32.67 -5.09 0.41
CA ALA B 200 32.91 -3.99 1.33
C ALA B 200 34.39 -3.89 1.69
N ILE B 201 35.03 -5.04 1.91
CA ILE B 201 36.47 -5.02 2.15
C ILE B 201 37.20 -4.46 0.95
N PHE B 202 36.86 -4.95 -0.25
CA PHE B 202 37.59 -4.56 -1.44
C PHE B 202 37.38 -3.09 -1.80
N SER B 203 36.29 -2.48 -1.36
CA SER B 203 36.04 -1.08 -1.68
C SER B 203 37.20 -0.19 -1.25
N LEU B 204 37.87 -0.56 -0.16
CA LEU B 204 39.03 0.22 0.29
C LEU B 204 40.26 -0.02 -0.56
N PHE B 205 40.29 -1.08 -1.35
CA PHE B 205 41.47 -1.44 -2.14
C PHE B 205 41.21 -1.38 -3.65
N PHE B 206 40.18 -2.08 -4.13
CA PHE B 206 39.89 -2.12 -5.57
C PHE B 206 38.38 -2.10 -5.74
N VAL B 207 37.85 -0.92 -6.05
CA VAL B 207 36.39 -0.76 -6.13
C VAL B 207 35.77 -1.61 -7.23
N PRO B 208 36.33 -1.67 -8.44
CA PRO B 208 35.65 -2.43 -9.51
C PRO B 208 35.37 -3.87 -9.13
N LEU B 209 36.26 -4.51 -8.38
CA LEU B 209 35.99 -5.86 -7.92
C LEU B 209 34.84 -5.88 -6.93
N SER B 210 34.70 -4.83 -6.11
CA SER B 210 33.56 -4.74 -5.21
C SER B 210 32.25 -4.70 -5.99
N TYR B 211 32.20 -3.89 -7.04
CA TYR B 211 31.01 -3.87 -7.87
C TYR B 211 30.78 -5.21 -8.54
N LEU B 212 31.86 -5.85 -9.02
CA LEU B 212 31.71 -7.16 -9.64
C LEU B 212 31.09 -8.15 -8.67
N LEU B 213 31.55 -8.15 -7.42
CA LEU B 213 30.97 -9.04 -6.42
C LEU B 213 29.51 -8.70 -6.15
N MET B 214 29.16 -7.42 -6.09
CA MET B 214 27.77 -7.06 -5.87
C MET B 214 26.88 -7.62 -6.98
N VAL B 215 27.30 -7.47 -8.24
CA VAL B 215 26.51 -8.03 -9.33
C VAL B 215 26.50 -9.56 -9.27
N THR B 216 27.61 -10.16 -8.85
CA THR B 216 27.64 -11.62 -8.71
C THR B 216 26.59 -12.09 -7.71
N VAL B 217 26.32 -11.27 -6.69
CA VAL B 217 25.29 -11.63 -5.71
C VAL B 217 23.97 -11.94 -6.41
N ILE B 218 23.59 -11.09 -7.37
CA ILE B 218 22.33 -11.30 -8.08
C ILE B 218 22.49 -12.35 -9.18
N LEU B 219 23.70 -12.46 -9.76
CA LEU B 219 23.89 -13.40 -10.85
C LEU B 219 23.77 -14.85 -10.38
N LEU B 220 24.44 -15.18 -9.28
CA LEU B 220 24.57 -16.58 -8.88
C LEU B 220 23.22 -17.29 -8.70
N PRO B 221 22.24 -16.73 -8.00
CA PRO B 221 20.98 -17.47 -7.82
C PRO B 221 20.28 -17.85 -9.11
N TYR B 222 20.38 -17.02 -10.15
CA TYR B 222 19.65 -17.24 -11.38
C TYR B 222 20.47 -17.88 -12.50
N VAL B 223 21.79 -17.68 -12.50
CA VAL B 223 22.61 -18.32 -13.53
C VAL B 223 23.06 -19.71 -13.07
N SER B 224 22.99 -19.98 -11.77
CA SER B 224 23.38 -21.29 -11.24
C SER B 224 24.79 -21.66 -11.64
N GLU B 254 12.02 -23.65 -9.90
CA GLU B 254 11.23 -23.98 -8.71
C GLU B 254 9.95 -23.15 -8.68
N PRO B 255 8.91 -23.66 -8.02
CA PRO B 255 7.66 -22.91 -7.94
C PRO B 255 7.76 -21.77 -6.93
N LEU B 256 6.89 -20.78 -7.12
CA LEU B 256 6.78 -19.65 -6.22
C LEU B 256 5.36 -19.61 -5.63
N SER B 257 5.24 -19.18 -4.38
CA SER B 257 3.94 -19.07 -3.75
C SER B 257 3.06 -18.12 -4.56
N LYS B 258 1.97 -18.63 -5.13
CA LYS B 258 1.10 -17.78 -5.94
C LYS B 258 0.46 -16.69 -5.10
N GLU B 259 0.19 -16.96 -3.82
CA GLU B 259 -0.42 -15.95 -2.97
C GLU B 259 0.52 -14.76 -2.77
N ARG B 260 1.81 -15.04 -2.56
CA ARG B 260 2.78 -13.95 -2.41
C ARG B 260 2.87 -13.13 -3.68
N VAL B 261 2.89 -13.80 -4.84
CA VAL B 261 2.97 -13.09 -6.11
C VAL B 261 1.76 -12.20 -6.28
N GLU B 262 0.57 -12.72 -5.98
CA GLU B 262 -0.65 -11.94 -6.12
C GLU B 262 -0.64 -10.73 -5.18
N ALA B 263 -0.22 -10.92 -3.93
CA ALA B 263 -0.22 -9.82 -2.97
C ALA B 263 0.76 -8.73 -3.40
N PHE B 264 1.96 -9.13 -3.82
CA PHE B 264 2.94 -8.14 -4.28
C PHE B 264 2.43 -7.39 -5.49
N SER B 265 1.85 -8.11 -6.45
CA SER B 265 1.33 -7.47 -7.65
C SER B 265 0.22 -6.49 -7.31
N ASP B 266 -0.70 -6.89 -6.42
CA ASP B 266 -1.78 -6.00 -6.03
C ASP B 266 -1.26 -4.75 -5.35
N GLY B 267 -0.28 -4.90 -4.47
CA GLY B 267 0.29 -3.72 -3.84
C GLY B 267 0.91 -2.76 -4.84
N VAL B 268 1.70 -3.30 -5.77
CA VAL B 268 2.34 -2.44 -6.77
C VAL B 268 1.30 -1.75 -7.62
N TYR B 269 0.28 -2.49 -8.07
CA TYR B 269 -0.76 -1.90 -8.90
C TYR B 269 -1.51 -0.80 -8.15
N ALA B 270 -1.84 -1.05 -6.88
CA ALA B 270 -2.57 -0.07 -6.10
C ALA B 270 -1.76 1.20 -5.91
N ILE B 271 -0.46 1.07 -5.68
CA ILE B 271 0.38 2.26 -5.52
C ILE B 271 0.46 3.04 -6.83
N VAL B 272 0.69 2.33 -7.94
CA VAL B 272 0.91 3.01 -9.21
C VAL B 272 -0.37 3.69 -9.68
N ALA B 273 -1.52 3.08 -9.41
CA ALA B 273 -2.78 3.68 -9.85
C ALA B 273 -3.03 5.01 -9.18
N THR B 274 -2.66 5.14 -7.90
CA THR B 274 -2.98 6.31 -7.09
C THR B 274 -1.83 7.30 -6.94
N LEU B 275 -0.68 7.05 -7.57
CA LEU B 275 0.42 8.01 -7.48
C LEU B 275 -0.03 9.44 -7.80
N LEU B 276 -0.73 9.62 -8.91
CA LEU B 276 -1.02 10.97 -9.37
C LEU B 276 -2.08 11.65 -8.51
N ILE B 277 -3.07 10.91 -8.01
CA ILE B 277 -4.02 11.53 -7.09
C ILE B 277 -3.33 11.88 -5.78
N LEU B 278 -2.36 11.08 -5.35
CA LEU B 278 -1.59 11.47 -4.18
C LEU B 278 -0.86 12.79 -4.40
N ASP B 279 -0.28 12.97 -5.58
CA ASP B 279 0.34 14.26 -5.90
C ASP B 279 -0.69 15.39 -5.91
N ILE B 280 -1.85 15.13 -6.51
CA ILE B 280 -2.87 16.18 -6.66
C ILE B 280 -3.40 16.63 -5.31
N CYS B 281 -3.73 15.68 -4.43
CA CYS B 281 -4.33 16.03 -3.15
C CYS B 281 -3.43 16.95 -2.34
N GLU B 282 -2.12 16.89 -2.56
CA GLU B 282 -1.18 17.72 -1.83
C GLU B 282 -0.90 19.04 -2.54
N ASP B 283 -0.71 18.99 -3.86
CA ASP B 283 -0.22 20.16 -4.57
C ASP B 283 -1.33 21.02 -5.16
N ASN B 284 -2.45 20.42 -5.57
CA ASN B 284 -3.39 21.08 -6.46
C ASN B 284 -4.73 21.42 -5.84
N VAL B 285 -4.79 21.71 -4.54
CA VAL B 285 -5.99 22.32 -3.96
C VAL B 285 -5.79 23.83 -4.03
N PRO B 286 -6.66 24.58 -4.70
CA PRO B 286 -6.39 26.01 -4.90
C PRO B 286 -6.23 26.76 -3.59
N ASP B 287 -5.35 27.75 -3.60
CA ASP B 287 -5.13 28.62 -2.46
C ASP B 287 -6.09 29.80 -2.54
N PRO B 288 -6.93 30.05 -1.52
CA PRO B 288 -7.91 31.14 -1.64
C PRO B 288 -7.29 32.47 -2.02
N LYS B 289 -6.10 32.78 -1.50
CA LYS B 289 -5.41 34.01 -1.89
C LYS B 289 -5.11 34.02 -3.38
N ASP B 290 -4.58 32.91 -3.90
CA ASP B 290 -4.28 32.84 -5.32
C ASP B 290 -5.56 32.90 -6.15
N VAL B 291 -6.62 32.23 -5.68
CA VAL B 291 -7.89 32.27 -6.40
C VAL B 291 -8.40 33.69 -6.50
N LYS B 292 -8.30 34.45 -5.40
CA LYS B 292 -8.85 35.80 -5.39
C LYS B 292 -7.99 36.75 -6.20
N GLU B 293 -6.67 36.55 -6.23
CA GLU B 293 -5.82 37.49 -6.94
C GLU B 293 -5.66 37.16 -8.43
N ARG B 294 -5.43 35.89 -8.76
CA ARG B 294 -5.03 35.54 -10.12
C ARG B 294 -6.21 35.12 -10.99
N PHE B 295 -7.27 34.60 -10.39
CA PHE B 295 -8.44 34.12 -11.13
C PHE B 295 -9.68 34.94 -10.88
N SER B 296 -9.53 36.14 -10.32
CA SER B 296 -10.66 37.05 -10.07
C SER B 296 -11.72 36.38 -9.20
N GLY B 297 -11.27 35.58 -8.23
CA GLY B 297 -12.20 34.97 -7.29
C GLY B 297 -13.05 33.86 -7.87
N SER B 298 -12.75 33.41 -9.08
CA SER B 298 -13.50 32.33 -9.72
C SER B 298 -12.82 31.00 -9.41
N LEU B 299 -13.46 30.20 -8.54
CA LEU B 299 -12.89 28.91 -8.21
C LEU B 299 -12.94 27.96 -9.41
N VAL B 300 -13.95 28.07 -10.25
CA VAL B 300 -14.04 27.20 -11.42
C VAL B 300 -12.86 27.45 -12.35
N ALA B 301 -12.47 28.72 -12.54
CA ALA B 301 -11.32 29.01 -13.37
C ALA B 301 -10.05 28.43 -12.77
N ALA B 302 -9.87 28.57 -11.46
CA ALA B 302 -8.68 28.04 -10.81
C ALA B 302 -8.61 26.53 -10.96
N LEU B 303 -9.76 25.85 -10.85
CA LEU B 303 -9.78 24.41 -11.04
C LEU B 303 -9.54 24.02 -12.50
N SER B 304 -10.01 24.83 -13.44
CA SER B 304 -9.76 24.54 -14.85
C SER B 304 -8.28 24.71 -15.19
N ALA B 305 -7.59 25.61 -14.49
CA ALA B 305 -6.17 25.79 -14.73
C ALA B 305 -5.39 24.52 -14.44
N THR B 306 -5.93 23.63 -13.62
CA THR B 306 -5.28 22.37 -13.28
C THR B 306 -5.93 21.15 -13.93
N GLY B 307 -6.65 21.33 -15.03
CA GLY B 307 -7.33 20.24 -15.69
C GLY B 307 -6.41 19.14 -16.17
N PRO B 308 -5.28 19.51 -16.78
CA PRO B 308 -4.36 18.49 -17.29
C PRO B 308 -3.92 17.48 -16.24
N ARG B 309 -3.70 17.91 -15.00
CA ARG B 309 -3.34 16.96 -13.95
C ARG B 309 -4.44 15.94 -13.72
N PHE B 310 -5.69 16.40 -13.67
CA PHE B 310 -6.80 15.47 -13.49
C PHE B 310 -6.93 14.52 -14.67
N LEU B 311 -6.74 15.01 -15.88
CA LEU B 311 -6.80 14.12 -17.04
C LEU B 311 -5.69 13.08 -17.00
N ALA B 312 -4.48 13.48 -16.60
CA ALA B 312 -3.40 12.52 -16.45
C ALA B 312 -3.75 11.46 -15.43
N TYR B 313 -4.31 11.87 -14.29
CA TYR B 313 -4.69 10.90 -13.27
C TYR B 313 -5.76 9.95 -13.79
N PHE B 314 -6.77 10.48 -14.48
CA PHE B 314 -7.82 9.62 -15.01
C PHE B 314 -7.25 8.57 -15.94
N GLY B 315 -6.43 9.01 -16.90
CA GLY B 315 -5.85 8.06 -17.83
C GLY B 315 -4.98 7.03 -17.14
N SER B 316 -4.11 7.47 -16.23
CA SER B 316 -3.20 6.54 -15.56
C SER B 316 -3.97 5.53 -14.73
N PHE B 317 -4.96 6.00 -13.97
CA PHE B 317 -5.75 5.08 -13.16
C PHE B 317 -6.48 4.08 -14.04
N ALA B 318 -7.09 4.53 -15.14
CA ALA B 318 -7.80 3.60 -16.01
C ALA B 318 -6.86 2.55 -16.57
N THR B 319 -5.70 2.97 -17.09
CA THR B 319 -4.79 2.01 -17.69
C THR B 319 -4.26 1.02 -16.67
N VAL B 320 -3.86 1.50 -15.48
CA VAL B 320 -3.30 0.61 -14.48
C VAL B 320 -4.37 -0.32 -13.96
N GLY B 321 -5.60 0.18 -13.78
CA GLY B 321 -6.68 -0.67 -13.31
C GLY B 321 -7.04 -1.76 -14.29
N LEU B 322 -7.02 -1.44 -15.59
CA LEU B 322 -7.32 -2.46 -16.58
C LEU B 322 -6.18 -3.45 -16.76
N LEU B 323 -4.93 -3.01 -16.61
CA LEU B 323 -3.83 -3.97 -16.58
C LEU B 323 -3.94 -4.88 -15.37
N TRP B 324 -4.33 -4.34 -14.22
CA TRP B 324 -4.58 -5.20 -13.07
C TRP B 324 -5.73 -6.16 -13.33
N PHE B 325 -6.76 -5.70 -14.05
CA PHE B 325 -7.87 -6.57 -14.38
C PHE B 325 -7.40 -7.74 -15.23
N ALA B 326 -6.55 -7.48 -16.21
CA ALA B 326 -6.00 -8.55 -17.03
C ALA B 326 -5.15 -9.51 -16.18
N HIS B 327 -4.32 -8.96 -15.30
CA HIS B 327 -3.51 -9.80 -14.41
C HIS B 327 -4.38 -10.66 -13.52
N HIS B 328 -5.43 -10.06 -12.96
CA HIS B 328 -6.33 -10.79 -12.08
C HIS B 328 -6.97 -11.94 -12.84
N SER B 329 -7.51 -11.65 -14.02
CA SER B 329 -8.13 -12.71 -14.82
C SER B 329 -7.13 -13.81 -15.14
N LEU B 330 -5.89 -13.45 -15.49
CA LEU B 330 -4.89 -14.46 -15.80
C LEU B 330 -4.63 -15.36 -14.60
N PHE B 331 -4.48 -14.76 -13.42
CA PHE B 331 -4.08 -15.53 -12.25
C PHE B 331 -5.25 -16.24 -11.59
N LEU B 332 -6.49 -15.91 -11.95
CA LEU B 332 -7.60 -16.73 -11.49
C LEU B 332 -7.54 -18.14 -12.05
N HIS B 333 -6.82 -18.35 -13.15
CA HIS B 333 -6.74 -19.65 -13.81
C HIS B 333 -5.38 -20.31 -13.67
N VAL B 334 -4.51 -19.77 -12.83
CA VAL B 334 -3.17 -20.32 -12.66
C VAL B 334 -3.19 -21.32 -11.51
N ARG B 335 -2.69 -22.52 -11.77
CA ARG B 335 -2.61 -23.54 -10.72
C ARG B 335 -1.37 -23.32 -9.86
N LYS B 336 -0.22 -23.16 -10.48
CA LYS B 336 1.03 -22.90 -9.78
C LYS B 336 1.89 -21.97 -10.62
N ALA B 337 2.59 -21.06 -9.94
CA ALA B 337 3.44 -20.09 -10.61
C ALA B 337 4.88 -20.59 -10.62
N THR B 338 5.49 -20.64 -11.80
CA THR B 338 6.87 -21.08 -11.90
C THR B 338 7.81 -19.89 -11.76
N ARG B 339 9.11 -20.18 -11.78
CA ARG B 339 10.11 -19.12 -11.66
C ARG B 339 10.10 -18.22 -12.88
N ALA B 340 9.91 -18.79 -14.07
CA ALA B 340 9.83 -17.98 -15.28
C ALA B 340 8.64 -17.02 -15.22
N MET B 341 7.50 -17.51 -14.76
CA MET B 341 6.34 -16.64 -14.60
C MET B 341 6.63 -15.53 -13.60
N GLY B 342 7.35 -15.84 -12.53
CA GLY B 342 7.72 -14.82 -11.57
C GLY B 342 8.61 -13.74 -12.16
N LEU B 343 9.60 -14.16 -12.94
CA LEU B 343 10.49 -13.20 -13.58
C LEU B 343 9.73 -12.30 -14.55
N LEU B 344 8.85 -12.89 -15.34
CA LEU B 344 8.07 -12.09 -16.29
C LEU B 344 7.11 -11.16 -15.57
N ASN B 345 6.54 -11.62 -14.46
CA ASN B 345 5.68 -10.76 -13.65
C ASN B 345 6.45 -9.58 -13.10
N THR B 346 7.68 -9.84 -12.65
CA THR B 346 8.52 -8.76 -12.14
C THR B 346 8.80 -7.73 -13.23
N LEU B 347 9.14 -8.20 -14.44
CA LEU B 347 9.39 -7.26 -15.54
C LEU B 347 8.14 -6.44 -15.86
N SER B 348 6.98 -7.11 -15.90
CA SER B 348 5.75 -6.39 -16.21
C SER B 348 5.43 -5.34 -15.16
N LEU B 349 5.63 -5.68 -13.88
CA LEU B 349 5.38 -4.70 -12.83
C LEU B 349 6.36 -3.53 -12.90
N ALA B 350 7.62 -3.84 -13.18
CA ALA B 350 8.62 -2.79 -13.30
C ALA B 350 8.24 -1.80 -14.38
N PHE B 351 7.76 -2.30 -15.52
CA PHE B 351 7.38 -1.39 -16.60
C PHE B 351 6.02 -0.77 -16.36
N VAL B 352 5.17 -1.40 -15.54
CA VAL B 352 3.89 -0.80 -15.18
C VAL B 352 4.12 0.43 -14.32
N GLY B 353 5.15 0.39 -13.49
CA GLY B 353 5.45 1.51 -12.62
C GLY B 353 5.66 2.82 -13.37
N GLY B 354 5.95 2.75 -14.66
CA GLY B 354 6.21 3.92 -15.47
C GLY B 354 5.02 4.56 -16.17
N LEU B 355 3.82 4.01 -16.01
CA LEU B 355 2.65 4.58 -16.69
C LEU B 355 2.34 5.99 -16.23
N PRO B 356 2.39 6.33 -14.93
CA PRO B 356 2.10 7.71 -14.53
C PRO B 356 2.97 8.73 -15.23
N LEU B 357 4.25 8.43 -15.45
CA LEU B 357 5.11 9.35 -16.19
C LEU B 357 4.62 9.53 -17.61
N ALA B 358 4.22 8.43 -18.26
CA ALA B 358 3.73 8.52 -19.63
C ALA B 358 2.50 9.42 -19.70
N TYR B 359 1.57 9.23 -18.76
CA TYR B 359 0.34 9.99 -18.84
C TYR B 359 0.54 11.45 -18.43
N GLN B 360 1.46 11.72 -17.51
CA GLN B 360 1.84 13.09 -17.23
C GLN B 360 2.39 13.76 -18.48
N GLN B 361 3.30 13.07 -19.17
CA GLN B 361 3.90 13.65 -20.37
C GLN B 361 2.86 13.93 -21.44
N THR B 362 1.96 12.99 -21.68
CA THR B 362 0.92 13.19 -22.69
C THR B 362 -0.09 14.25 -22.29
N SER B 363 -0.42 14.38 -21.01
CA SER B 363 -1.39 15.38 -20.59
C SER B 363 -0.81 16.78 -20.62
N ALA B 364 0.49 16.94 -20.29
CA ALA B 364 1.11 18.26 -20.40
C ALA B 364 0.89 18.85 -21.78
N PHE B 365 1.07 18.05 -22.82
CA PHE B 365 0.60 18.36 -24.16
C PHE B 365 1.14 19.70 -24.66
N ALA B 366 2.46 19.75 -24.84
CA ALA B 366 3.06 20.87 -25.54
C ALA B 366 2.53 20.90 -26.97
N ARG B 367 2.12 22.09 -27.42
CA ARG B 367 1.44 22.20 -28.70
C ARG B 367 2.31 21.79 -29.88
N GLN B 368 3.62 21.71 -29.70
CA GLN B 368 4.51 21.40 -30.81
C GLN B 368 4.20 20.00 -31.34
N PRO B 369 3.88 19.85 -32.63
CA PRO B 369 3.50 18.51 -33.12
C PRO B 369 4.58 17.46 -32.90
N ARG B 370 5.85 17.80 -33.09
CA ARG B 370 6.92 16.81 -32.91
C ARG B 370 7.01 16.37 -31.45
N ASP B 371 6.93 17.32 -30.52
CA ASP B 371 7.00 16.96 -29.11
C ASP B 371 5.84 16.06 -28.72
N GLU B 372 4.62 16.40 -29.16
CA GLU B 372 3.48 15.57 -28.81
C GLU B 372 3.56 14.21 -29.48
N LEU B 373 4.10 14.14 -30.69
CA LEU B 373 4.27 12.86 -31.35
C LEU B 373 5.24 11.98 -30.55
N GLU B 374 6.34 12.57 -30.10
CA GLU B 374 7.28 11.84 -29.25
C GLU B 374 6.61 11.36 -27.97
N ARG B 375 5.73 12.15 -27.41
CA ARG B 375 5.14 11.79 -26.14
C ARG B 375 4.12 10.74 -26.31
N VAL B 376 3.44 10.69 -27.42
CA VAL B 376 2.54 9.58 -27.73
C VAL B 376 3.32 8.30 -27.98
N ARG B 377 4.42 8.38 -28.72
CA ARG B 377 5.23 7.19 -28.95
C ARG B 377 5.77 6.63 -27.63
N VAL B 378 6.25 7.49 -26.74
CA VAL B 378 6.80 7.00 -25.47
C VAL B 378 5.71 6.35 -24.65
N SER B 379 4.52 6.96 -24.60
CA SER B 379 3.43 6.38 -23.82
C SER B 379 3.01 5.02 -24.38
N CYS B 380 2.89 4.92 -25.71
CA CYS B 380 2.52 3.65 -26.31
C CYS B 380 3.58 2.59 -26.06
N THR B 381 4.86 2.97 -26.13
CA THR B 381 5.93 2.02 -25.85
C THR B 381 5.85 1.52 -24.41
N ILE B 382 5.59 2.42 -23.46
CA ILE B 382 5.51 2.01 -22.07
C ILE B 382 4.34 1.06 -21.84
N ILE B 383 3.19 1.36 -22.44
CA ILE B 383 2.04 0.48 -22.29
C ILE B 383 2.34 -0.88 -22.91
N PHE B 384 2.96 -0.89 -24.08
CA PHE B 384 3.30 -2.15 -24.73
C PHE B 384 4.23 -2.97 -23.86
N LEU B 385 5.24 -2.34 -23.27
CA LEU B 385 6.17 -3.06 -22.42
C LEU B 385 5.47 -3.59 -21.18
N ALA B 386 4.53 -2.82 -20.62
CA ALA B 386 3.80 -3.27 -19.45
C ALA B 386 2.97 -4.51 -19.75
N SER B 387 2.31 -4.55 -20.91
CA SER B 387 1.35 -5.61 -21.19
C SER B 387 1.95 -6.82 -21.92
N ILE B 388 3.02 -6.62 -22.68
CA ILE B 388 3.59 -7.74 -23.42
C ILE B 388 4.15 -8.78 -22.47
N PHE B 389 4.60 -8.37 -21.30
CA PHE B 389 5.12 -9.34 -20.34
C PHE B 389 4.03 -10.12 -19.65
N GLN B 390 2.84 -9.54 -19.47
CA GLN B 390 1.69 -10.35 -19.06
C GLN B 390 1.34 -11.38 -20.13
N LEU B 391 1.31 -10.95 -21.39
CA LEU B 391 1.06 -11.90 -22.47
C LEU B 391 2.13 -12.98 -22.50
N ALA B 392 3.37 -12.61 -22.19
CA ALA B 392 4.47 -13.58 -22.16
C ALA B 392 4.33 -14.55 -20.99
N MET B 393 3.85 -14.07 -19.84
CA MET B 393 3.52 -14.98 -18.74
C MET B 393 2.51 -16.01 -19.20
N TRP B 394 1.45 -15.55 -19.89
CA TRP B 394 0.41 -16.46 -20.33
C TRP B 394 0.96 -17.47 -21.34
N THR B 395 1.78 -17.01 -22.28
CA THR B 395 2.36 -17.91 -23.27
C THR B 395 3.31 -18.92 -22.62
N THR B 396 4.09 -18.47 -21.64
CA THR B 396 4.99 -19.39 -20.93
C THR B 396 4.19 -20.44 -20.18
N ALA B 397 3.09 -20.03 -19.54
CA ALA B 397 2.24 -21.00 -18.86
C ALA B 397 1.67 -22.01 -19.83
N LEU B 398 1.27 -21.58 -21.02
CA LEU B 398 0.71 -22.50 -21.99
C LEU B 398 1.67 -23.63 -22.35
N LEU B 399 2.98 -23.44 -22.15
CA LEU B 399 3.93 -24.51 -22.45
C LEU B 399 3.81 -25.69 -21.50
N HIS B 400 3.40 -25.46 -20.25
CA HIS B 400 3.20 -26.51 -19.26
C HIS B 400 1.80 -26.44 -18.69
N GLN B 401 0.85 -26.00 -19.52
CA GLN B 401 -0.55 -25.92 -19.12
C GLN B 401 -0.95 -27.07 -18.21
N ALA B 402 -0.54 -28.30 -18.52
CA ALA B 402 -1.01 -29.45 -17.78
C ALA B 402 -0.81 -29.28 -16.28
N GLU B 403 0.28 -28.63 -15.87
CA GLU B 403 0.54 -28.41 -14.46
C GLU B 403 0.41 -26.95 -14.04
N THR B 404 0.34 -26.01 -14.99
CA THR B 404 0.39 -24.60 -14.65
C THR B 404 -0.96 -23.90 -14.75
N LEU B 405 -1.88 -24.40 -15.56
CA LEU B 405 -3.14 -23.72 -15.83
C LEU B 405 -4.31 -24.64 -15.53
N GLN B 406 -5.44 -24.04 -15.16
CA GLN B 406 -6.66 -24.80 -14.98
C GLN B 406 -7.15 -25.30 -16.34
N PRO B 407 -7.89 -26.42 -16.37
CA PRO B 407 -8.32 -26.97 -17.66
C PRO B 407 -9.19 -26.02 -18.47
N SER B 408 -9.76 -24.98 -17.85
CA SER B 408 -10.63 -24.08 -18.57
C SER B 408 -9.89 -23.34 -19.68
N VAL B 409 -8.61 -23.02 -19.46
CA VAL B 409 -7.85 -22.18 -20.38
C VAL B 409 -6.75 -22.97 -21.09
N TRP B 410 -6.84 -24.29 -21.10
CA TRP B 410 -5.94 -25.07 -21.93
C TRP B 410 -6.24 -24.82 -23.39
N PHE B 411 -5.31 -25.23 -24.25
CA PHE B 411 -5.56 -25.16 -25.69
C PHE B 411 -6.85 -25.87 -26.03
N GLY B 412 -7.75 -25.16 -26.70
CA GLY B 412 -9.05 -25.70 -27.00
C GLY B 412 -10.03 -25.72 -25.84
N GLY B 413 -9.69 -25.05 -24.73
CA GLY B 413 -10.60 -25.02 -23.60
C GLY B 413 -11.74 -24.03 -23.82
N ARG B 414 -12.66 -24.03 -22.86
CA ARG B 414 -13.83 -23.17 -22.97
C ARG B 414 -13.45 -21.70 -23.03
N GLU B 415 -12.56 -21.26 -22.14
CA GLU B 415 -12.21 -19.86 -22.00
C GLU B 415 -10.81 -19.53 -22.51
N HIS B 416 -10.24 -20.37 -23.37
CA HIS B 416 -8.89 -20.12 -23.85
C HIS B 416 -8.85 -18.88 -24.73
N VAL B 417 -9.76 -18.78 -25.70
CA VAL B 417 -9.77 -17.65 -26.61
C VAL B 417 -10.05 -16.35 -25.87
N LEU B 418 -10.95 -16.42 -24.88
CA LEU B 418 -11.26 -15.22 -24.10
C LEU B 418 -10.04 -14.74 -23.33
N MET B 419 -9.30 -15.66 -22.70
CA MET B 419 -8.08 -15.27 -21.98
C MET B 419 -7.05 -14.68 -22.95
N PHE B 420 -6.89 -15.30 -24.11
CA PHE B 420 -5.96 -14.79 -25.10
C PHE B 420 -6.33 -13.37 -25.51
N ALA B 421 -7.60 -13.14 -25.82
CA ALA B 421 -8.04 -11.81 -26.22
C ALA B 421 -7.85 -10.80 -25.10
N LYS B 422 -8.19 -11.19 -23.87
CA LYS B 422 -8.07 -10.29 -22.75
C LYS B 422 -6.63 -9.86 -22.53
N LEU B 423 -5.68 -10.78 -22.68
CA LEU B 423 -4.28 -10.43 -22.46
C LEU B 423 -3.63 -9.77 -23.66
N ALA B 424 -4.13 -10.00 -24.88
CA ALA B 424 -3.56 -9.36 -26.06
C ALA B 424 -4.26 -8.07 -26.43
N LEU B 425 -5.31 -7.68 -25.71
CA LEU B 425 -6.02 -6.45 -26.06
C LEU B 425 -5.11 -5.23 -25.96
N TYR B 426 -4.30 -5.14 -24.92
CA TYR B 426 -3.51 -3.93 -24.69
C TYR B 426 -2.29 -3.87 -25.61
N PRO B 427 -1.51 -4.95 -25.73
CA PRO B 427 -0.37 -4.90 -26.66
C PRO B 427 -0.79 -4.55 -28.08
N CYS B 428 -1.91 -5.09 -28.56
CA CYS B 428 -2.35 -4.78 -29.91
C CYS B 428 -2.74 -3.32 -30.03
N ALA B 429 -3.46 -2.79 -29.04
CA ALA B 429 -3.88 -1.39 -29.10
C ALA B 429 -2.67 -0.47 -29.07
N SER B 430 -1.71 -0.75 -28.19
CA SER B 430 -0.51 0.09 -28.11
C SER B 430 0.28 0.03 -29.40
N LEU B 431 0.45 -1.16 -29.96
CA LEU B 431 1.19 -1.29 -31.21
C LEU B 431 0.48 -0.56 -32.34
N LEU B 432 -0.86 -0.64 -32.39
CA LEU B 432 -1.61 0.06 -33.42
C LEU B 432 -1.47 1.57 -33.29
N ALA B 433 -1.53 2.09 -32.07
CA ALA B 433 -1.35 3.52 -31.88
C ALA B 433 0.05 3.95 -32.29
N PHE B 434 1.06 3.15 -31.92
CA PHE B 434 2.43 3.47 -32.29
C PHE B 434 2.59 3.48 -33.81
N ALA B 435 1.99 2.50 -34.48
CA ALA B 435 2.06 2.46 -35.94
C ALA B 435 1.34 3.64 -36.57
N SER B 436 0.18 4.00 -36.03
CA SER B 436 -0.54 5.18 -36.52
C SER B 436 0.31 6.42 -36.38
N THR B 437 1.11 6.50 -35.31
CA THR B 437 1.98 7.65 -35.13
C THR B 437 2.98 7.82 -36.27
N CYS B 438 3.34 6.74 -36.95
CA CYS B 438 4.26 6.79 -38.08
C CYS B 438 3.57 6.88 -39.42
N LEU B 439 2.37 6.30 -39.54
CA LEU B 439 1.61 6.31 -40.77
C LEU B 439 0.56 7.41 -40.83
N LEU B 440 -0.14 7.65 -39.72
CA LEU B 440 -1.20 8.64 -39.63
C LEU B 440 -0.82 9.77 -38.68
N SER B 441 0.41 10.28 -38.85
CA SER B 441 1.00 11.15 -37.84
C SER B 441 0.05 12.27 -37.40
N ARG B 442 -0.61 12.92 -38.35
CA ARG B 442 -1.44 14.06 -38.01
C ARG B 442 -2.60 13.66 -37.10
N PHE B 443 -3.24 12.54 -37.39
CA PHE B 443 -4.33 12.05 -36.54
C PHE B 443 -3.85 11.31 -35.31
N SER B 444 -2.57 10.90 -35.28
CA SER B 444 -2.12 9.94 -34.28
C SER B 444 -2.49 10.39 -32.87
N VAL B 445 -2.27 11.66 -32.53
CA VAL B 445 -2.56 12.11 -31.17
C VAL B 445 -4.01 11.83 -30.83
N GLY B 446 -4.94 12.24 -31.69
CA GLY B 446 -6.34 11.92 -31.45
C GLY B 446 -6.54 10.42 -31.32
N ILE B 447 -5.89 9.63 -32.18
CA ILE B 447 -6.02 8.19 -32.11
C ILE B 447 -5.63 7.71 -30.72
N PHE B 448 -4.55 8.26 -30.16
CA PHE B 448 -4.17 7.87 -28.81
C PHE B 448 -5.34 8.06 -27.85
N HIS B 449 -5.96 9.24 -27.88
CA HIS B 449 -7.14 9.45 -27.03
C HIS B 449 -8.22 8.44 -27.37
N LEU B 450 -8.45 8.18 -28.65
CA LEU B 450 -9.42 7.16 -29.03
C LEU B 450 -9.09 5.85 -28.34
N MET B 451 -7.80 5.47 -28.30
CA MET B 451 -7.41 4.25 -27.62
C MET B 451 -7.89 4.28 -26.17
N GLN B 452 -7.64 5.38 -25.46
CA GLN B 452 -8.03 5.45 -24.06
C GLN B 452 -9.52 5.21 -23.88
N ILE B 453 -10.31 5.50 -24.92
CA ILE B 453 -11.76 5.27 -24.83
C ILE B 453 -12.10 3.86 -25.30
N ALA B 454 -11.38 3.37 -26.31
CA ALA B 454 -11.77 2.11 -26.94
C ALA B 454 -11.43 0.91 -26.05
N VAL B 455 -10.24 0.90 -25.45
CA VAL B 455 -9.81 -0.28 -24.70
C VAL B 455 -10.74 -0.58 -23.53
N PRO B 456 -11.13 0.39 -22.70
CA PRO B 456 -12.09 0.05 -21.63
C PRO B 456 -13.37 -0.56 -22.15
N CYS B 457 -13.97 0.04 -23.18
CA CYS B 457 -15.19 -0.51 -23.75
C CYS B 457 -14.96 -1.93 -24.24
N ALA B 458 -13.85 -2.15 -24.95
CA ALA B 458 -13.53 -3.49 -25.43
C ALA B 458 -13.46 -4.47 -24.26
N PHE B 459 -13.00 -4.03 -23.10
CA PHE B 459 -12.97 -4.90 -21.94
C PHE B 459 -14.38 -5.25 -21.47
N LEU B 460 -15.28 -4.26 -21.49
CA LEU B 460 -16.67 -4.52 -21.10
C LEU B 460 -17.33 -5.49 -22.08
N LEU B 461 -17.21 -5.21 -23.38
CA LEU B 461 -17.85 -6.01 -24.40
C LEU B 461 -16.98 -7.16 -24.88
N LEU B 462 -15.96 -7.55 -24.11
CA LEU B 462 -14.98 -8.49 -24.63
C LEU B 462 -15.61 -9.83 -25.01
N ARG B 463 -16.52 -10.33 -24.16
CA ARG B 463 -17.15 -11.60 -24.48
C ARG B 463 -18.00 -11.51 -25.73
N LEU B 464 -18.75 -10.41 -25.88
CA LEU B 464 -19.55 -10.23 -27.09
C LEU B 464 -18.66 -10.12 -28.33
N LEU B 465 -17.56 -9.38 -28.23
CA LEU B 465 -16.63 -9.27 -29.36
C LEU B 465 -16.03 -10.62 -29.72
N VAL B 466 -15.66 -11.41 -28.71
CA VAL B 466 -15.06 -12.72 -28.96
C VAL B 466 -16.09 -13.63 -29.63
N GLY B 467 -17.32 -13.61 -29.14
CA GLY B 467 -18.37 -14.39 -29.78
C GLY B 467 -18.63 -13.97 -31.21
N LEU B 468 -18.61 -12.65 -31.46
CA LEU B 468 -18.80 -12.16 -32.81
C LEU B 468 -17.67 -12.63 -33.73
N ALA B 469 -16.44 -12.55 -33.25
CA ALA B 469 -15.31 -13.00 -34.06
C ALA B 469 -15.40 -14.49 -34.34
N LEU B 470 -15.80 -15.28 -33.34
CA LEU B 470 -15.95 -16.71 -33.54
C LEU B 470 -17.03 -17.00 -34.57
N ALA B 471 -18.17 -16.32 -34.47
CA ALA B 471 -19.24 -16.54 -35.45
C ALA B 471 -18.79 -16.14 -36.84
N THR B 472 -18.06 -15.03 -36.96
CA THR B 472 -17.58 -14.58 -38.26
C THR B 472 -16.62 -15.61 -38.88
N LEU B 473 -15.71 -16.15 -38.05
CA LEU B 473 -14.77 -17.13 -38.57
C LEU B 473 -15.45 -18.47 -38.85
N ARG B 474 -16.60 -18.72 -38.22
CA ARG B 474 -17.33 -19.95 -38.50
C ARG B 474 -17.65 -20.07 -39.98
N VAL B 475 -18.11 -18.97 -40.59
CA VAL B 475 -18.44 -19.00 -42.01
C VAL B 475 -17.19 -18.74 -42.86
N LEU B 476 -16.32 -17.84 -42.41
CA LEU B 476 -15.08 -17.57 -43.12
C LEU B 476 -14.03 -18.62 -42.77
C6 YN9 C . -33.23 -2.63 -11.62
C5 YN9 C . -32.23 -1.52 -11.26
C4 YN9 C . -30.15 2.57 -9.58
C3 YN9 C . -32.17 4.98 -9.59
O3 YN9 C . -35.30 -4.71 -10.52
C2 YN9 C . -29.96 3.84 -10.41
O2 YN9 C . -34.80 -3.53 -8.76
C1 YN9 C . -30.87 4.91 -10.40
O1 YN9 C . -29.54 1.50 -10.26
C10 YN9 C . -32.92 6.14 -9.67
C11 YN9 C . -32.63 3.94 -8.80
C12 YN9 C . -34.56 -2.44 -10.90
C13 YN9 C . -30.98 -1.49 -11.86
C14 YN9 C . -32.59 -0.56 -10.33
C15 YN9 C . -30.08 -0.48 -11.52
C16 YN9 C . -31.69 0.45 -10.00
C17 YN9 C . -34.54 5.24 -8.17
C18 YN9 C . -29.47 6.08 -11.99
C19 YN9 C . -28.58 5.02 -11.99
C20 YN9 C . -34.09 6.28 -8.96
C21 YN9 C . -33.81 4.07 -8.09
C22 YN9 C . -35.86 5.37 -7.39
C23 YN9 C . -34.91 -3.63 -10.01
C7 YN9 C . -30.60 6.02 -11.19
C8 YN9 C . -28.83 3.91 -11.20
C9 YN9 C . -30.44 0.48 -10.60
F1 YN9 C . -27.45 5.06 -12.76
C1 CLR D . -36.29 8.65 -5.90
C2 CLR D . -37.42 8.25 -4.95
C3 CLR D . -37.01 7.07 -4.10
C4 CLR D . -35.73 7.38 -3.33
C5 CLR D . -34.62 7.86 -4.24
C6 CLR D . -33.40 7.37 -4.12
C7 CLR D . -32.20 7.85 -4.88
C8 CLR D . -32.46 9.18 -5.58
C9 CLR D . -33.84 9.14 -6.25
C10 CLR D . -34.96 8.99 -5.19
C11 CLR D . -34.06 10.28 -7.24
C12 CLR D . -32.89 10.55 -8.18
C13 CLR D . -31.59 10.76 -7.41
C14 CLR D . -31.37 9.47 -6.60
C15 CLR D . -29.92 9.54 -6.12
C16 CLR D . -29.21 10.39 -7.19
C17 CLR D . -30.28 10.79 -8.25
C18 CLR D . -31.68 11.99 -6.51
C19 CLR D . -35.14 10.28 -4.35
C20 CLR D . -29.95 12.06 -9.04
C21 CLR D . -30.87 12.26 -10.24
C22 CLR D . -28.49 12.13 -9.51
C23 CLR D . -27.74 13.36 -8.98
C24 CLR D . -26.44 13.65 -9.73
C25 CLR D . -26.57 14.11 -11.18
C26 CLR D . -27.80 14.99 -11.40
C27 CLR D . -25.32 14.88 -11.63
O1 CLR D . -38.07 6.76 -3.22
K K E . 3.56 8.50 -1.10
K K F . -4.79 -8.77 1.99
K K G . -2.10 -2.84 1.29
K K H . 1.03 2.46 -0.32
C6 YN9 I . 22.60 -22.63 14.89
C5 YN9 I . 22.64 -21.26 14.21
C4 YN9 I . 23.92 -17.39 11.51
C3 YN9 I . 27.02 -17.17 11.18
O3 YN9 I . 22.50 -25.74 14.47
C2 YN9 I . 24.75 -16.21 12.02
O2 YN9 I . 22.83 -24.97 12.44
C1 YN9 I . 26.14 -16.12 11.88
O1 YN9 I . 22.80 -17.53 12.34
C10 YN9 I . 28.38 -16.89 11.07
C11 YN9 I . 26.55 -18.37 10.67
C12 YN9 I . 23.61 -23.59 14.28
C13 YN9 I . 21.84 -20.22 14.67
C14 YN9 I . 23.49 -21.05 13.14
C15 YN9 I . 21.89 -18.98 14.05
C16 YN9 I . 23.53 -19.82 12.52
C17 YN9 I . 28.76 -18.99 9.96
C18 YN9 I . 26.12 -14.01 13.03
C19 YN9 I . 24.74 -14.10 13.17
C20 YN9 I . 29.25 -17.79 10.47
C21 YN9 I . 27.42 -19.27 10.07
C22 YN9 I . 29.71 -19.97 9.30
C23 YN9 I . 22.94 -24.84 13.69
C7 YN9 I . 26.81 -15.02 12.38
C8 YN9 I . 24.07 -15.20 12.67
C9 YN9 I . 22.74 -18.78 12.97
F1 YN9 I . 24.05 -13.11 13.81
C1 CLR J . 32.19 -18.38 7.17
C2 CLR J . 32.61 -19.66 6.45
C3 CLR J . 31.42 -20.36 5.83
C4 CLR J . 30.67 -19.40 4.90
C5 CLR J . 30.30 -18.11 5.58
C6 CLR J . 29.08 -17.60 5.46
C7 CLR J . 28.65 -16.27 5.99
C8 CLR J . 29.83 -15.40 6.41
C9 CLR J . 30.83 -16.26 7.19
C10 CLR J . 31.43 -17.37 6.29
C11 CLR J . 31.89 -15.43 7.93
C12 CLR J . 31.33 -14.22 8.68
C13 CLR J . 30.49 -13.32 7.76
C14 CLR J . 29.36 -14.22 7.23
C15 CLR J . 28.35 -13.26 6.62
C16 CLR J . 28.54 -11.95 7.42
C17 CLR J . 29.66 -12.20 8.45
C18 CLR J . 31.35 -12.75 6.63
C19 CLR J . 32.38 -16.82 5.22
C20 CLR J . 30.41 -10.94 8.92
C21 CLR J . 31.31 -11.20 10.13
C22 CLR J . 29.46 -9.76 9.22
C23 CLR J . 29.75 -8.52 8.38
C24 CLR J . 29.11 -7.24 8.92
C25 CLR J . 29.66 -6.70 10.25
C26 CLR J . 31.16 -6.95 10.38
C27 CLR J . 29.36 -5.22 10.41
O1 CLR J . 31.87 -21.50 5.14
K K K . -2.98 -9.74 0.39
K K L . -0.64 -3.69 -0.46
K K M . 7.48 21.32 -4.37
#